data_8DQP
#
_entry.id   8DQP
#
_cell.length_a   58.459
_cell.length_b   58.349
_cell.length_c   273.281
_cell.angle_alpha   90.000
_cell.angle_beta   90.000
_cell.angle_gamma   90.000
#
_symmetry.space_group_name_H-M   'P 21 21 21'
#
loop_
_entity.id
_entity.type
_entity.pdbx_description
1 polymer 'Coumarin Synthase'
2 non-polymer 7-hydroxy-6-methoxy-2H-1-benzopyran-2-one
3 non-polymer 'CALCIUM ION'
4 non-polymer 1,2-ETHANEDIOL
5 non-polymer 'TETRAETHYLENE GLYCOL'
6 non-polymer 'ACETATE ION'
7 water water
#
_entity_poly.entity_id   1
_entity_poly.type   'polypeptide(L)'
_entity_poly.pdbx_seq_one_letter_code
;MATLEITDIALVQPSHQPLSNDQTLSLSHLDNDNNLHVSFRYLRVYSSSSSTVAGESPSAVVSASLATALVHYYPLAGSL
RRSASDNRFELLCSAGQSVPLVNATVNCTLESVGYLDGPDPGFVERLVPDPTREEGMVNPCILQVTMFQCGGWVLGASIH
HAICDGLGASLFFNAMAELARGATKISIEPVWDRERLLGPREKPWVGAPVRDFLSLDKDFDPYGQAIGDVKRDCFFVTDD
SLDQLKAQLLEKSGLNFTTFEALGAYIWRAKVRAAKTEEKENVKFVYSINIRRLMNPPLPKGYWGNGCVPMYAQIKAGEL
IEQPIWKTAELIKQSKSNTSDEYVRSFIDFQELHHKDGINAGTGVTGFTDWRYLGHSTIDFGWGGPVTVLPLSNKLLGSM
EPCFFLPYSTDAAAGSKKDSGFKVLVNLRESAMPEFKEAMDKFHKGEFALS
;
_entity_poly.pdbx_strand_id   A,B
#
loop_
_chem_comp.id
_chem_comp.type
_chem_comp.name
_chem_comp.formula
ACT non-polymer 'ACETATE ION' 'C2 H3 O2 -1'
CA non-polymer 'CALCIUM ION' 'Ca 2'
EDO non-polymer 1,2-ETHANEDIOL 'C2 H6 O2'
PG4 non-polymer 'TETRAETHYLENE GLYCOL' 'C8 H18 O5'
T83 non-polymer 7-hydroxy-6-methoxy-2H-1-benzopyran-2-one 'C10 H8 O4'
#
# COMPACT_ATOMS: atom_id res chain seq x y z
N ALA A 2 -16.87 9.64 5.17
CA ALA A 2 -15.64 9.38 4.41
C ALA A 2 -15.97 8.58 3.12
N THR A 3 -15.94 7.23 3.22
CA THR A 3 -16.74 6.22 2.42
C THR A 3 -16.39 6.01 0.92
N LEU A 4 -15.06 5.95 0.58
CA LEU A 4 -14.46 5.54 -0.74
C LEU A 4 -14.56 4.03 -0.99
N GLU A 5 -15.32 3.60 -2.00
CA GLU A 5 -15.40 2.19 -2.28
C GLU A 5 -14.33 1.84 -3.31
N ILE A 6 -13.99 0.56 -3.39
CA ILE A 6 -13.39 0.06 -4.54
C ILE A 6 -14.39 -0.84 -5.28
N THR A 7 -14.85 -0.36 -6.43
CA THR A 7 -15.89 -1.03 -7.19
C THR A 7 -15.26 -2.28 -7.81
N ASP A 8 -14.11 -2.17 -8.43
CA ASP A 8 -13.48 -3.36 -8.98
C ASP A 8 -12.02 -3.07 -9.29
N ILE A 9 -11.32 -4.13 -9.68
CA ILE A 9 -9.97 -3.98 -10.16
C ILE A 9 -9.86 -4.69 -11.49
N ALA A 10 -9.71 -3.94 -12.60
CA ALA A 10 -9.59 -4.51 -13.93
C ALA A 10 -8.08 -4.80 -14.21
N LEU A 11 -7.80 -6.02 -14.65
CA LEU A 11 -6.47 -6.37 -15.06
C LEU A 11 -6.40 -6.15 -16.59
N VAL A 12 -5.89 -4.98 -17.03
CA VAL A 12 -5.90 -4.65 -18.46
C VAL A 12 -4.67 -5.27 -19.12
N GLN A 13 -4.90 -6.03 -20.18
CA GLN A 13 -3.92 -6.58 -21.00
C GLN A 13 -3.79 -5.79 -22.27
N PRO A 14 -2.65 -5.93 -23.01
CA PRO A 14 -2.58 -5.37 -24.35
C PRO A 14 -3.74 -5.80 -25.27
N SER A 15 -4.30 -4.85 -26.07
CA SER A 15 -5.37 -5.08 -27.05
C SER A 15 -5.09 -6.35 -27.81
N HIS A 16 -3.92 -6.35 -28.46
CA HIS A 16 -3.36 -7.47 -29.17
C HIS A 16 -2.05 -7.83 -28.45
N GLN A 17 -1.77 -9.12 -28.23
CA GLN A 17 -0.63 -9.52 -27.35
C GLN A 17 0.64 -9.64 -28.19
N PRO A 18 1.68 -8.79 -27.97
CA PRO A 18 2.85 -8.69 -28.86
C PRO A 18 4.05 -9.65 -28.67
N LEU A 19 4.26 -10.13 -27.45
CA LEU A 19 5.12 -11.27 -27.23
C LEU A 19 4.41 -12.61 -27.50
N SER A 20 5.09 -13.53 -28.21
CA SER A 20 4.67 -14.97 -28.27
C SER A 20 5.04 -15.71 -26.98
N ASN A 21 6.34 -15.69 -26.62
CA ASN A 21 6.78 -16.13 -25.27
C ASN A 21 7.80 -15.13 -24.72
N ASP A 22 8.15 -15.40 -23.46
CA ASP A 22 8.77 -14.53 -22.47
C ASP A 22 9.83 -13.63 -23.10
N GLN A 23 10.25 -12.68 -22.30
CA GLN A 23 11.20 -11.75 -22.74
C GLN A 23 11.69 -10.95 -21.54
N THR A 24 12.97 -11.12 -21.17
CA THR A 24 13.59 -10.24 -20.17
C THR A 24 14.25 -9.00 -20.80
N LEU A 25 13.84 -7.80 -20.40
CA LEU A 25 14.52 -6.61 -20.83
C LEU A 25 15.49 -6.11 -19.76
N SER A 26 16.68 -5.70 -20.19
CA SER A 26 17.62 -5.14 -19.25
C SER A 26 17.40 -3.63 -19.17
N LEU A 27 17.75 -3.06 -18.02
CA LEU A 27 17.50 -1.65 -17.82
C LEU A 27 18.83 -0.91 -17.79
N SER A 28 18.77 0.42 -17.89
CA SER A 28 19.95 1.18 -17.99
C SER A 28 20.56 1.33 -16.62
N HIS A 29 21.85 1.65 -16.60
CA HIS A 29 22.49 2.00 -15.35
C HIS A 29 21.88 3.25 -14.73
N LEU A 30 21.14 4.09 -15.48
CA LEU A 30 20.35 5.16 -14.79
C LEU A 30 19.12 4.56 -14.11
N ASP A 31 18.48 3.59 -14.77
CA ASP A 31 17.25 2.96 -14.29
C ASP A 31 17.49 2.27 -12.95
N ASN A 32 18.69 1.70 -12.79
CA ASN A 32 19.02 0.81 -11.75
C ASN A 32 19.73 1.53 -10.62
N ASP A 33 19.78 2.86 -10.68
CA ASP A 33 20.33 3.70 -9.56
C ASP A 33 19.52 3.35 -8.30
N ASN A 34 20.13 3.17 -7.14
CA ASN A 34 19.40 2.72 -5.96
C ASN A 34 18.44 3.80 -5.43
N ASN A 35 18.64 5.04 -5.77
CA ASN A 35 17.77 6.07 -5.34
C ASN A 35 16.44 6.01 -6.14
N LEU A 36 16.36 5.18 -7.17
CA LEU A 36 15.16 5.11 -7.89
C LEU A 36 14.35 3.87 -7.47
N HIS A 37 14.81 3.14 -6.48
CA HIS A 37 14.11 1.88 -6.04
C HIS A 37 13.01 2.28 -5.05
N VAL A 38 11.98 2.89 -5.61
CA VAL A 38 10.85 3.48 -4.98
C VAL A 38 9.71 3.57 -6.00
N SER A 39 8.49 3.74 -5.48
CA SER A 39 7.36 3.98 -6.32
C SER A 39 7.15 5.48 -6.40
N PHE A 40 6.89 5.95 -7.59
CA PHE A 40 6.46 7.27 -7.69
C PHE A 40 4.92 7.32 -7.75
N ARG A 41 4.32 8.14 -6.89
CA ARG A 41 2.87 8.15 -6.80
C ARG A 41 2.37 9.56 -7.11
N TYR A 42 1.59 9.68 -8.19
CA TYR A 42 0.94 10.97 -8.36
C TYR A 42 -0.47 10.82 -8.91
N LEU A 43 -1.20 11.93 -8.75
CA LEU A 43 -2.55 11.94 -9.23
C LEU A 43 -2.83 13.19 -10.07
N ARG A 44 -3.75 13.05 -11.06
CA ARG A 44 -4.33 14.07 -11.94
C ARG A 44 -5.82 14.21 -11.65
N VAL A 45 -6.28 15.45 -11.43
CA VAL A 45 -7.70 15.83 -11.13
C VAL A 45 -8.34 16.48 -12.39
N TYR A 46 -9.59 16.07 -12.75
CA TYR A 46 -10.39 16.55 -13.92
C TYR A 46 -11.81 16.94 -13.42
N SER A 47 -12.65 17.65 -14.22
CA SER A 47 -14.01 18.10 -13.71
C SER A 47 -15.15 17.66 -14.64
N GLU A 56 -19.97 6.99 -22.54
CA GLU A 56 -18.97 6.16 -21.80
C GLU A 56 -18.13 7.03 -20.82
N SER A 57 -17.61 6.33 -19.81
CA SER A 57 -17.15 6.92 -18.60
C SER A 57 -15.64 7.02 -18.67
N PRO A 58 -15.02 7.90 -17.85
CA PRO A 58 -13.57 7.94 -17.74
C PRO A 58 -12.98 6.57 -17.43
N SER A 59 -13.70 5.78 -16.66
CA SER A 59 -13.22 4.48 -16.30
C SER A 59 -12.94 3.65 -17.58
N ALA A 60 -13.94 3.60 -18.46
CA ALA A 60 -13.97 2.76 -19.68
C ALA A 60 -12.99 3.32 -20.73
N VAL A 61 -12.88 4.66 -20.79
CA VAL A 61 -12.08 5.33 -21.84
C VAL A 61 -10.57 5.13 -21.53
N VAL A 62 -10.16 5.17 -20.26
CA VAL A 62 -8.75 4.99 -19.83
C VAL A 62 -8.32 3.51 -19.99
N SER A 63 -9.23 2.55 -19.71
CA SER A 63 -8.95 1.11 -19.87
C SER A 63 -8.76 0.75 -21.36
N ALA A 64 -9.49 1.39 -22.26
CA ALA A 64 -9.36 1.13 -23.70
C ALA A 64 -8.07 1.79 -24.23
N SER A 65 -7.77 3.05 -23.82
CA SER A 65 -6.49 3.72 -24.16
C SER A 65 -5.34 2.81 -23.70
N LEU A 66 -5.44 2.38 -22.44
CA LEU A 66 -4.39 1.63 -21.76
C LEU A 66 -4.08 0.36 -22.58
N ALA A 67 -5.13 -0.39 -22.89
CA ALA A 67 -5.05 -1.66 -23.58
C ALA A 67 -4.29 -1.47 -24.91
N THR A 68 -4.59 -0.40 -25.67
CA THR A 68 -3.97 -0.18 -27.02
C THR A 68 -2.53 0.38 -26.94
N ALA A 69 -2.22 1.11 -25.86
CA ALA A 69 -0.88 1.60 -25.57
C ALA A 69 0.01 0.44 -25.12
N LEU A 70 -0.57 -0.47 -24.35
CA LEU A 70 0.15 -1.63 -23.90
C LEU A 70 0.62 -2.52 -25.05
N VAL A 71 0.06 -2.38 -26.25
CA VAL A 71 0.62 -3.05 -27.45
C VAL A 71 2.08 -2.58 -27.65
N HIS A 72 2.34 -1.29 -27.39
CA HIS A 72 3.71 -0.74 -27.58
C HIS A 72 4.43 -0.60 -26.22
N TYR A 73 3.66 -0.51 -25.11
CA TYR A 73 4.24 -0.22 -23.81
C TYR A 73 4.10 -1.39 -22.84
N TYR A 74 4.16 -2.61 -23.38
CA TYR A 74 3.81 -3.82 -22.64
C TYR A 74 4.72 -4.10 -21.46
N PRO A 75 5.95 -3.48 -21.38
CA PRO A 75 6.81 -3.62 -20.21
C PRO A 75 6.24 -3.07 -18.89
N LEU A 76 5.33 -2.09 -18.99
CA LEU A 76 4.59 -1.61 -17.80
C LEU A 76 3.79 -2.75 -17.19
N ALA A 77 3.45 -3.73 -18.00
CA ALA A 77 2.65 -4.87 -17.49
C ALA A 77 3.52 -5.80 -16.62
N GLY A 78 4.83 -5.81 -16.98
CA GLY A 78 5.81 -6.81 -16.58
C GLY A 78 6.19 -6.68 -15.13
N SER A 79 7.02 -7.62 -14.62
CA SER A 79 7.55 -7.70 -13.19
C SER A 79 9.04 -7.39 -13.14
N LEU A 80 9.48 -6.56 -12.18
CA LEU A 80 10.90 -6.32 -11.94
C LEU A 80 11.38 -7.42 -11.06
N ARG A 81 12.48 -8.08 -11.41
CA ARG A 81 13.22 -8.96 -10.52
C ARG A 81 14.74 -8.61 -10.60
N ARG A 82 15.47 -9.02 -9.57
CA ARG A 82 16.89 -9.04 -9.58
C ARG A 82 17.38 -10.21 -10.44
N SER A 83 18.38 -9.96 -11.30
CA SER A 83 18.97 -10.98 -12.24
C SER A 83 19.75 -12.00 -11.45
N ALA A 84 19.92 -13.17 -12.05
CA ALA A 84 20.71 -14.26 -11.39
C ALA A 84 22.23 -13.95 -11.51
N SER A 85 22.64 -13.16 -12.51
CA SER A 85 24.06 -12.80 -12.65
C SER A 85 24.50 -11.75 -11.59
N ASP A 86 23.88 -10.56 -11.56
CA ASP A 86 24.58 -9.36 -10.93
C ASP A 86 23.76 -8.56 -9.90
N ASN A 87 22.46 -8.88 -9.71
CA ASN A 87 21.53 -8.24 -8.71
C ASN A 87 20.95 -6.88 -9.13
N ARG A 88 21.21 -6.51 -10.39
CA ARG A 88 20.51 -5.41 -11.05
C ARG A 88 19.07 -5.87 -11.36
N PHE A 89 18.17 -4.91 -11.47
CA PHE A 89 16.84 -5.18 -11.92
C PHE A 89 16.83 -5.44 -13.43
N GLU A 90 16.13 -6.52 -13.82
CA GLU A 90 15.66 -6.81 -15.17
C GLU A 90 14.13 -6.91 -15.11
N LEU A 91 13.50 -6.71 -16.25
CA LEU A 91 12.08 -6.58 -16.35
C LEU A 91 11.57 -7.79 -17.12
N LEU A 92 10.94 -8.77 -16.44
CA LEU A 92 10.33 -9.98 -17.10
C LEU A 92 8.95 -9.64 -17.70
N CYS A 93 8.85 -9.85 -19.02
CA CYS A 93 7.69 -9.64 -19.80
C CYS A 93 7.24 -10.97 -20.39
N SER A 94 5.90 -11.18 -20.31
CA SER A 94 5.25 -12.46 -20.71
C SER A 94 3.82 -12.17 -21.11
N ALA A 95 3.32 -13.07 -21.94
CA ALA A 95 1.90 -13.06 -22.29
C ALA A 95 1.09 -13.48 -21.06
N GLY A 96 0.05 -12.69 -20.81
CA GLY A 96 -0.83 -12.81 -19.67
C GLY A 96 -0.79 -11.58 -18.82
N GLN A 97 0.34 -10.87 -18.96
CA GLN A 97 0.69 -9.86 -18.01
C GLN A 97 -0.25 -8.65 -18.24
N SER A 98 -0.52 -7.92 -17.15
CA SER A 98 -1.50 -6.86 -17.14
C SER A 98 -0.96 -5.65 -16.37
N VAL A 99 -1.56 -4.50 -16.66
CA VAL A 99 -1.56 -3.34 -15.77
C VAL A 99 -2.87 -3.34 -14.97
N PRO A 100 -2.86 -3.43 -13.61
CA PRO A 100 -4.00 -3.07 -12.76
C PRO A 100 -4.61 -1.66 -12.81
N LEU A 101 -5.92 -1.58 -13.09
CA LEU A 101 -6.70 -0.35 -12.97
C LEU A 101 -7.70 -0.51 -11.82
N VAL A 102 -7.44 0.15 -10.69
CA VAL A 102 -8.39 0.26 -9.64
C VAL A 102 -9.46 1.30 -10.03
N ASN A 103 -10.71 0.85 -10.06
CA ASN A 103 -11.94 1.65 -10.20
C ASN A 103 -12.57 1.81 -8.81
N ALA A 104 -12.94 3.01 -8.44
CA ALA A 104 -13.33 3.23 -7.14
C ALA A 104 -14.25 4.40 -7.25
N THR A 105 -15.01 4.64 -6.19
CA THR A 105 -15.94 5.68 -6.27
C THR A 105 -15.85 6.36 -4.86
N VAL A 106 -16.34 7.65 -4.81
CA VAL A 106 -16.69 8.29 -3.51
C VAL A 106 -17.64 9.54 -3.68
N ASN A 107 -18.40 9.85 -2.59
CA ASN A 107 -18.98 11.23 -2.18
C ASN A 107 -18.19 11.78 -0.99
N CYS A 108 -18.63 12.97 -0.46
CA CYS A 108 -18.49 13.46 1.03
C CYS A 108 -17.11 13.98 1.45
N THR A 109 -17.12 15.03 2.31
CA THR A 109 -15.92 15.68 3.03
C THR A 109 -14.76 14.69 3.36
N PRO A 119 -9.61 19.42 2.29
CA PRO A 119 -9.09 18.39 1.31
C PRO A 119 -8.79 16.97 1.85
N ASP A 120 -8.41 16.90 3.17
CA ASP A 120 -8.06 15.77 4.23
C ASP A 120 -6.79 14.92 3.96
N PRO A 121 -5.70 15.11 4.77
CA PRO A 121 -4.40 14.50 4.39
C PRO A 121 -4.49 13.00 3.96
N GLY A 122 -4.83 12.07 4.87
CA GLY A 122 -4.65 10.59 4.65
C GLY A 122 -5.76 9.96 3.85
N PHE A 123 -6.70 10.81 3.44
CA PHE A 123 -7.74 10.45 2.42
C PHE A 123 -7.14 10.45 0.99
N VAL A 124 -6.50 11.57 0.63
CA VAL A 124 -5.82 11.72 -0.62
C VAL A 124 -4.87 10.53 -0.86
N GLU A 125 -4.31 9.94 0.21
CA GLU A 125 -3.53 8.71 0.09
C GLU A 125 -4.33 7.54 -0.54
N ARG A 126 -5.65 7.55 -0.41
CA ARG A 126 -6.41 6.37 -0.89
C ARG A 126 -6.70 6.44 -2.41
N LEU A 127 -6.25 7.53 -3.05
CA LEU A 127 -6.60 7.81 -4.43
C LEU A 127 -5.66 7.10 -5.41
N VAL A 128 -4.55 6.57 -4.88
CA VAL A 128 -3.57 5.84 -5.64
C VAL A 128 -2.94 4.82 -4.69
N PRO A 129 -2.68 3.57 -5.17
CA PRO A 129 -2.17 2.50 -4.30
C PRO A 129 -0.76 2.80 -3.75
N ASP A 130 -0.39 2.20 -2.62
CA ASP A 130 0.77 2.59 -1.87
C ASP A 130 1.68 1.39 -1.69
N PRO A 131 2.19 0.78 -2.78
CA PRO A 131 3.04 -0.40 -2.67
C PRO A 131 4.32 0.00 -1.94
N THR A 132 4.91 -0.92 -1.16
CA THR A 132 6.31 -0.72 -0.62
C THR A 132 7.30 -0.94 -1.78
N ARG A 133 8.57 -0.44 -1.65
CA ARG A 133 9.56 -0.52 -2.83
C ARG A 133 9.57 -1.96 -3.35
N GLU A 134 9.65 -2.95 -2.43
CA GLU A 134 9.79 -4.35 -2.85
C GLU A 134 8.51 -4.85 -3.53
N GLU A 135 7.36 -4.70 -2.87
CA GLU A 135 6.01 -5.00 -3.47
C GLU A 135 5.78 -4.32 -4.85
N GLY A 136 6.39 -3.11 -5.03
CA GLY A 136 6.30 -2.32 -6.28
C GLY A 136 6.99 -2.96 -7.48
N MET A 137 7.86 -3.94 -7.22
CA MET A 137 8.52 -4.69 -8.27
C MET A 137 7.55 -5.68 -8.92
N VAL A 138 6.58 -6.17 -8.16
CA VAL A 138 5.61 -7.19 -8.66
C VAL A 138 4.62 -6.52 -9.61
N ASN A 139 4.13 -5.36 -9.19
CA ASN A 139 3.26 -4.51 -9.99
C ASN A 139 3.87 -3.09 -10.12
N PRO A 140 4.75 -2.94 -11.12
CA PRO A 140 5.48 -1.68 -11.28
C PRO A 140 4.63 -0.56 -11.85
N CYS A 141 3.49 -0.87 -12.48
CA CYS A 141 2.59 0.16 -13.00
C CYS A 141 1.17 -0.09 -12.47
N ILE A 142 0.67 0.77 -11.58
CA ILE A 142 -0.70 0.67 -11.05
C ILE A 142 -1.45 2.00 -11.23
N LEU A 143 -2.54 1.96 -12.00
CA LEU A 143 -3.47 3.05 -12.17
C LEU A 143 -4.70 2.87 -11.27
N GLN A 144 -5.38 3.99 -10.97
CA GLN A 144 -6.64 4.12 -10.18
C GLN A 144 -7.51 5.26 -10.75
N VAL A 145 -8.78 4.94 -11.11
CA VAL A 145 -9.79 5.94 -11.55
C VAL A 145 -10.84 5.99 -10.45
N THR A 146 -10.86 7.09 -9.72
CA THR A 146 -11.79 7.34 -8.69
C THR A 146 -12.77 8.36 -9.26
N MET A 147 -14.05 7.90 -9.37
CA MET A 147 -15.14 8.68 -9.87
C MET A 147 -15.79 9.36 -8.67
N PHE A 148 -16.21 10.61 -8.95
CA PHE A 148 -16.74 11.58 -8.04
C PHE A 148 -18.11 12.07 -8.58
N GLN A 149 -18.95 12.67 -7.69
CA GLN A 149 -20.20 13.46 -8.04
C GLN A 149 -19.86 14.43 -9.21
N CYS A 150 -20.87 14.74 -10.07
CA CYS A 150 -20.84 15.80 -11.18
C CYS A 150 -19.61 15.70 -12.13
N GLY A 151 -19.65 14.69 -13.03
CA GLY A 151 -18.66 14.32 -14.12
C GLY A 151 -17.20 14.62 -13.84
N GLY A 152 -16.77 14.41 -12.58
CA GLY A 152 -15.43 14.69 -11.98
C GLY A 152 -14.73 13.40 -11.51
N TRP A 153 -13.40 13.34 -11.61
CA TRP A 153 -12.67 12.14 -11.33
C TRP A 153 -11.17 12.41 -11.12
N VAL A 154 -10.51 11.37 -10.61
CA VAL A 154 -9.09 11.43 -10.33
C VAL A 154 -8.39 10.23 -10.93
N LEU A 155 -7.24 10.49 -11.58
CA LEU A 155 -6.38 9.46 -12.18
C LEU A 155 -5.09 9.36 -11.36
N GLY A 156 -4.89 8.21 -10.72
CA GLY A 156 -3.85 8.02 -9.75
C GLY A 156 -2.87 7.07 -10.36
N ALA A 157 -1.58 7.21 -10.10
CA ALA A 157 -0.62 6.29 -10.74
C ALA A 157 0.54 5.99 -9.79
N SER A 158 0.96 4.72 -9.73
CA SER A 158 2.05 4.28 -8.90
C SER A 158 3.04 3.45 -9.72
N ILE A 159 3.95 4.18 -10.35
CA ILE A 159 4.97 3.60 -11.24
C ILE A 159 6.32 3.53 -10.52
N HIS A 160 6.93 2.34 -10.49
CA HIS A 160 8.35 2.09 -10.07
C HIS A 160 9.32 2.96 -10.90
N HIS A 161 10.17 3.69 -10.20
CA HIS A 161 10.92 4.76 -10.83
C HIS A 161 12.04 4.19 -11.73
N ALA A 162 12.42 2.94 -11.50
CA ALA A 162 13.31 2.29 -12.37
C ALA A 162 12.75 2.10 -13.79
N ILE A 163 11.44 1.97 -13.98
CA ILE A 163 10.88 1.76 -15.35
C ILE A 163 11.07 3.02 -16.19
N CYS A 164 10.91 4.18 -15.55
CA CYS A 164 10.86 5.36 -16.33
C CYS A 164 10.84 6.59 -15.46
N ASP A 165 11.00 7.79 -16.05
CA ASP A 165 11.04 9.09 -15.33
C ASP A 165 9.75 9.81 -15.69
N GLY A 166 9.67 11.09 -15.28
CA GLY A 166 8.61 12.01 -15.63
C GLY A 166 8.36 12.05 -17.12
N LEU A 167 9.42 12.25 -17.87
CA LEU A 167 9.14 12.54 -19.29
C LEU A 167 8.66 11.24 -19.89
N GLY A 168 9.20 10.17 -19.35
CA GLY A 168 8.92 8.80 -19.88
C GLY A 168 7.48 8.42 -19.67
N ALA A 169 7.02 8.63 -18.43
CA ALA A 169 5.65 8.45 -18.17
C ALA A 169 4.82 9.34 -19.04
N SER A 170 5.20 10.59 -19.13
CA SER A 170 4.42 11.50 -19.85
C SER A 170 4.33 11.10 -21.36
N LEU A 171 5.34 10.39 -21.92
CA LEU A 171 5.23 9.80 -23.33
C LEU A 171 4.11 8.77 -23.37
N PHE A 172 4.06 7.97 -22.30
CA PHE A 172 3.11 6.88 -22.14
C PHE A 172 1.72 7.47 -21.92
N PHE A 173 1.57 8.48 -21.08
CA PHE A 173 0.23 8.97 -20.81
C PHE A 173 -0.38 9.77 -21.99
N ASN A 174 0.46 10.48 -22.76
CA ASN A 174 0.02 11.31 -23.93
C ASN A 174 -0.43 10.41 -25.10
N ALA A 175 0.19 9.22 -25.14
CA ALA A 175 -0.09 8.13 -26.10
C ALA A 175 -1.43 7.45 -25.78
N MET A 176 -1.72 7.25 -24.47
CA MET A 176 -3.04 6.87 -24.03
C MET A 176 -4.02 7.96 -24.39
N ALA A 177 -3.70 9.20 -24.02
CA ALA A 177 -4.63 10.35 -24.21
C ALA A 177 -4.95 10.56 -25.70
N GLU A 178 -3.93 10.55 -26.58
CA GLU A 178 -4.17 10.86 -28.05
C GLU A 178 -5.09 9.74 -28.61
N LEU A 179 -4.94 8.49 -28.11
CA LEU A 179 -5.78 7.37 -28.54
C LEU A 179 -7.22 7.58 -28.02
N ALA A 180 -7.37 8.05 -26.78
CA ALA A 180 -8.66 8.46 -26.23
C ALA A 180 -9.33 9.53 -27.11
N ARG A 181 -8.53 10.46 -27.70
CA ARG A 181 -9.05 11.62 -28.52
C ARG A 181 -9.39 11.19 -29.96
N GLY A 182 -9.16 9.92 -30.30
CA GLY A 182 -9.58 9.33 -31.55
C GLY A 182 -8.44 9.04 -32.52
N ALA A 183 -7.19 9.05 -32.05
CA ALA A 183 -6.07 8.85 -32.93
C ALA A 183 -6.05 7.42 -33.46
N THR A 184 -5.61 7.35 -34.72
CA THR A 184 -5.58 6.17 -35.58
C THR A 184 -4.53 5.18 -35.01
N LYS A 185 -3.46 5.74 -34.43
CA LYS A 185 -2.32 4.94 -33.94
C LYS A 185 -1.55 5.86 -32.98
N ILE A 186 -0.60 5.32 -32.22
CA ILE A 186 0.21 6.24 -31.45
C ILE A 186 1.17 6.93 -32.44
N SER A 187 1.52 8.20 -32.13
CA SER A 187 2.21 9.07 -33.09
C SER A 187 3.75 8.88 -33.00
N ILE A 188 4.25 8.52 -31.80
CA ILE A 188 5.64 8.16 -31.56
C ILE A 188 5.69 6.72 -31.04
N GLU A 189 6.43 5.86 -31.75
CA GLU A 189 6.89 4.52 -31.30
C GLU A 189 7.90 4.68 -30.14
N PRO A 190 7.64 4.04 -28.96
CA PRO A 190 8.60 4.04 -27.85
C PRO A 190 9.85 3.21 -28.17
N VAL A 191 10.98 3.70 -27.66
CA VAL A 191 12.26 3.06 -27.81
C VAL A 191 12.73 2.57 -26.45
N TRP A 192 13.05 1.28 -26.48
CA TRP A 192 13.69 0.56 -25.43
C TRP A 192 15.20 0.68 -25.65
N ASP A 193 15.88 -0.40 -26.07
CA ASP A 193 17.23 -0.34 -26.48
C ASP A 193 18.14 0.20 -25.36
N ARG A 194 17.87 -0.15 -24.09
CA ARG A 194 18.33 0.67 -22.93
C ARG A 194 19.80 0.42 -22.55
N GLU A 195 20.20 -0.85 -22.58
CA GLU A 195 21.55 -1.28 -22.09
C GLU A 195 22.59 -0.76 -23.11
N ARG A 196 22.17 -0.62 -24.39
CA ARG A 196 23.00 -0.10 -25.47
C ARG A 196 23.09 1.44 -25.44
N LEU A 197 21.99 2.21 -25.39
CA LEU A 197 22.08 3.67 -25.43
C LEU A 197 22.67 4.27 -24.15
N LEU A 198 22.51 3.63 -22.98
CA LEU A 198 22.94 4.22 -21.70
C LEU A 198 23.81 3.20 -20.98
N GLY A 199 24.58 2.50 -21.79
CA GLY A 199 25.54 1.58 -21.34
C GLY A 199 26.77 2.32 -20.86
N PRO A 200 27.65 1.63 -20.13
CA PRO A 200 28.87 2.24 -19.65
C PRO A 200 30.00 2.21 -20.73
N ARG A 201 31.08 2.95 -20.49
CA ARG A 201 32.25 2.93 -21.43
C ARG A 201 33.12 1.68 -21.18
N GLU A 202 33.74 1.22 -22.26
CA GLU A 202 34.52 0.00 -22.23
C GLU A 202 35.61 0.13 -21.16
N LYS A 203 36.10 1.35 -20.88
CA LYS A 203 37.11 1.57 -19.83
C LYS A 203 36.52 2.61 -18.90
N PRO A 204 35.65 2.24 -17.94
CA PRO A 204 34.84 3.21 -17.23
C PRO A 204 35.74 4.24 -16.59
N TRP A 205 35.29 5.49 -16.49
CA TRP A 205 36.03 6.64 -16.03
C TRP A 205 35.02 7.60 -15.37
N VAL A 206 35.35 8.05 -14.16
CA VAL A 206 34.44 8.86 -13.45
C VAL A 206 35.14 10.09 -12.96
N GLY A 207 34.54 11.22 -13.30
CA GLY A 207 35.10 12.49 -13.10
C GLY A 207 34.83 13.00 -11.74
N ALA A 208 35.51 14.06 -11.33
CA ALA A 208 35.43 14.60 -9.97
C ALA A 208 34.06 15.23 -9.70
N PRO A 209 33.28 15.76 -10.66
CA PRO A 209 31.96 16.29 -10.33
C PRO A 209 31.01 15.20 -9.83
N VAL A 210 31.14 13.94 -10.29
CA VAL A 210 30.36 12.86 -9.75
C VAL A 210 30.97 12.30 -8.47
N ARG A 211 32.29 12.03 -8.44
CA ARG A 211 32.99 11.52 -7.30
C ARG A 211 32.81 12.36 -6.04
N ASP A 212 32.60 13.63 -6.22
CA ASP A 212 32.58 14.52 -5.09
C ASP A 212 31.19 14.55 -4.41
N PHE A 213 30.10 14.20 -5.14
CA PHE A 213 28.66 14.13 -4.66
C PHE A 213 28.49 12.74 -3.99
N LEU A 214 29.08 11.68 -4.52
CA LEU A 214 28.69 10.34 -4.15
C LEU A 214 29.79 9.64 -3.38
N SER A 215 29.41 8.57 -2.70
CA SER A 215 30.11 7.84 -1.68
C SER A 215 29.64 6.35 -1.70
N LEU A 216 30.34 5.42 -1.04
CA LEU A 216 29.99 3.99 -0.98
C LEU A 216 29.72 3.49 0.45
N ASP A 217 28.53 2.95 0.69
CA ASP A 217 28.22 2.29 1.96
C ASP A 217 27.14 1.23 1.78
N LYS A 218 27.50 -0.04 1.75
CA LYS A 218 26.51 -1.06 1.51
C LYS A 218 25.40 -0.98 2.56
N ASP A 219 25.74 -0.51 3.78
CA ASP A 219 24.82 -0.46 4.92
C ASP A 219 23.97 0.81 4.97
N PHE A 220 23.87 1.60 3.89
CA PHE A 220 23.14 2.88 4.00
C PHE A 220 21.88 2.92 3.16
N ASP A 221 20.79 3.33 3.83
CA ASP A 221 19.51 3.38 3.21
C ASP A 221 19.11 4.83 3.15
N PRO A 222 19.10 5.45 1.95
CA PRO A 222 18.80 6.86 1.84
C PRO A 222 17.41 7.11 2.43
N TYR A 223 16.54 6.13 2.18
CA TYR A 223 15.17 6.27 2.56
C TYR A 223 14.81 5.58 3.90
N GLY A 224 15.77 5.16 4.71
CA GLY A 224 15.57 4.60 5.98
C GLY A 224 16.18 5.42 7.10
N GLN A 225 16.35 6.73 6.97
CA GLN A 225 17.08 7.42 8.05
C GLN A 225 16.06 7.75 9.13
N ALA A 226 16.51 7.78 10.39
CA ALA A 226 15.73 8.06 11.50
C ALA A 226 15.54 9.58 11.66
N ILE A 227 14.52 10.16 11.02
CA ILE A 227 14.29 11.61 11.19
C ILE A 227 12.88 11.89 11.79
N GLY A 228 12.14 10.82 12.10
CA GLY A 228 10.76 10.96 12.58
C GLY A 228 9.81 10.91 11.41
N ASP A 229 8.54 11.14 11.71
CA ASP A 229 7.53 11.17 10.70
C ASP A 229 7.71 12.44 9.88
N VAL A 230 7.42 12.24 8.61
CA VAL A 230 7.52 13.21 7.72
C VAL A 230 6.17 13.74 7.33
N LYS A 231 5.92 15.01 7.59
CA LYS A 231 4.70 15.70 7.20
C LYS A 231 4.79 16.35 5.82
N ARG A 232 3.64 16.56 5.20
CA ARG A 232 3.49 17.21 3.94
C ARG A 232 2.69 18.48 4.15
N ASP A 233 3.15 19.60 3.59
CA ASP A 233 2.35 20.82 3.70
C ASP A 233 2.60 21.66 2.42
N CYS A 234 1.65 22.54 2.08
CA CYS A 234 1.57 23.28 0.91
C CYS A 234 1.55 24.75 1.30
N PHE A 235 2.21 25.56 0.44
CA PHE A 235 2.35 26.98 0.66
C PHE A 235 2.05 27.74 -0.62
N PHE A 236 1.21 28.77 -0.58
CA PHE A 236 1.06 29.59 -1.72
C PHE A 236 2.10 30.69 -1.60
N VAL A 237 2.76 30.89 -2.75
CA VAL A 237 3.82 31.84 -2.95
C VAL A 237 3.45 32.76 -4.12
N THR A 238 3.41 34.08 -3.89
CA THR A 238 2.82 35.04 -4.91
C THR A 238 3.90 35.45 -5.91
N ASP A 239 3.61 35.48 -7.22
CA ASP A 239 4.54 36.05 -8.26
C ASP A 239 5.17 37.39 -7.79
N ASP A 240 4.42 38.16 -6.98
CA ASP A 240 4.78 39.48 -6.42
C ASP A 240 5.80 39.32 -5.29
N SER A 241 5.66 38.31 -4.42
CA SER A 241 6.64 38.12 -3.32
C SER A 241 8.00 37.76 -3.92
N LEU A 242 7.99 37.00 -5.04
CA LEU A 242 9.15 36.51 -5.67
C LEU A 242 9.88 37.66 -6.39
N ASP A 243 9.08 38.53 -7.02
CA ASP A 243 9.64 39.68 -7.70
C ASP A 243 10.28 40.64 -6.68
N GLN A 244 9.63 40.88 -5.52
CA GLN A 244 10.27 41.59 -4.37
C GLN A 244 11.61 40.85 -4.10
N LEU A 245 11.60 39.53 -4.09
CA LEU A 245 12.72 38.72 -3.59
C LEU A 245 13.89 38.87 -4.55
N LYS A 246 13.64 38.76 -5.85
CA LYS A 246 14.69 38.92 -6.87
C LYS A 246 15.27 40.34 -6.93
N ALA A 247 14.40 41.34 -6.93
CA ALA A 247 14.75 42.79 -6.89
C ALA A 247 15.73 43.08 -5.76
N GLN A 248 15.63 42.37 -4.61
CA GLN A 248 16.43 42.66 -3.43
C GLN A 248 17.76 41.88 -3.44
N LEU A 249 17.71 40.66 -3.93
CA LEU A 249 18.91 39.99 -4.16
C LEU A 249 19.75 40.75 -5.19
N LEU A 250 19.05 41.31 -6.18
CA LEU A 250 19.69 42.09 -7.22
C LEU A 250 20.34 43.36 -6.63
N GLU A 251 19.60 44.08 -5.78
CA GLU A 251 20.05 45.30 -5.19
C GLU A 251 21.28 45.03 -4.33
N LYS A 252 21.35 43.88 -3.68
CA LYS A 252 22.35 43.59 -2.62
C LYS A 252 23.50 42.77 -3.20
N SER A 253 23.39 42.25 -4.42
CA SER A 253 24.53 41.53 -5.03
C SER A 253 24.74 41.81 -6.54
N GLY A 254 23.83 42.57 -7.17
CA GLY A 254 23.85 42.76 -8.60
C GLY A 254 23.71 41.50 -9.44
N LEU A 255 23.30 40.36 -8.90
CA LEU A 255 23.07 39.16 -9.74
C LEU A 255 21.58 38.81 -9.88
N ASN A 256 21.21 38.24 -11.05
CA ASN A 256 19.82 37.88 -11.36
C ASN A 256 19.64 36.41 -10.96
N PHE A 257 18.67 36.14 -10.11
CA PHE A 257 18.43 34.73 -9.86
C PHE A 257 17.04 34.37 -10.35
N THR A 258 16.94 33.19 -10.97
CA THR A 258 15.65 32.53 -11.18
C THR A 258 14.88 32.22 -9.86
N THR A 259 13.56 32.03 -9.99
CA THR A 259 12.70 31.68 -8.88
C THR A 259 13.24 30.37 -8.26
N PHE A 260 13.66 29.43 -9.12
CA PHE A 260 14.23 28.16 -8.65
C PHE A 260 15.47 28.39 -7.79
N GLU A 261 16.25 29.40 -8.13
CA GLU A 261 17.48 29.65 -7.41
C GLU A 261 17.12 30.39 -6.14
N ALA A 262 16.42 31.52 -6.24
CA ALA A 262 16.21 32.33 -5.09
C ALA A 262 15.29 31.62 -4.07
N LEU A 263 14.14 31.08 -4.53
CA LEU A 263 13.25 30.48 -3.60
C LEU A 263 13.81 29.15 -3.09
N GLY A 264 14.44 28.37 -3.95
CA GLY A 264 15.10 27.14 -3.50
C GLY A 264 16.11 27.43 -2.40
N ALA A 265 16.81 28.56 -2.51
CA ALA A 265 17.81 28.94 -1.53
C ALA A 265 17.11 29.10 -0.20
N TYR A 266 16.04 29.90 -0.25
CA TYR A 266 15.30 30.30 0.90
C TYR A 266 14.71 29.06 1.58
N ILE A 267 14.16 28.15 0.79
CA ILE A 267 13.49 26.96 1.39
C ILE A 267 14.54 26.05 2.00
N TRP A 268 15.60 25.79 1.26
CA TRP A 268 16.71 25.01 1.74
C TRP A 268 17.26 25.57 3.05
N ARG A 269 17.52 26.86 3.09
CA ARG A 269 18.05 27.36 4.34
C ARG A 269 17.03 27.16 5.49
N ALA A 270 15.78 27.50 5.23
CA ALA A 270 14.73 27.48 6.28
C ALA A 270 14.58 26.07 6.81
N LYS A 271 14.61 25.08 5.89
CA LYS A 271 14.42 23.70 6.27
C LYS A 271 15.63 23.21 7.07
N VAL A 272 16.87 23.59 6.72
CA VAL A 272 18.04 23.02 7.44
C VAL A 272 18.12 23.64 8.83
N ARG A 273 17.78 24.90 8.84
CA ARG A 273 17.71 25.64 10.07
C ARG A 273 16.64 25.01 10.98
N ALA A 274 15.42 24.79 10.47
CA ALA A 274 14.31 24.16 11.25
C ALA A 274 14.68 22.77 11.75
N ALA A 275 15.47 22.03 10.99
CA ALA A 275 15.88 20.74 11.38
C ALA A 275 17.00 20.78 12.43
N LYS A 276 17.40 21.96 12.89
CA LYS A 276 18.46 22.06 13.88
C LYS A 276 19.67 21.23 13.44
N THR A 277 20.12 21.34 12.19
CA THR A 277 21.17 20.41 11.71
C THR A 277 22.55 20.83 12.27
N GLU A 278 23.35 19.85 12.70
CA GLU A 278 24.71 20.11 13.29
C GLU A 278 25.50 20.97 12.31
N GLU A 279 26.28 21.94 12.83
CA GLU A 279 26.90 23.00 12.06
C GLU A 279 27.89 22.41 11.04
N LYS A 280 28.57 21.27 11.26
CA LYS A 280 29.57 20.79 10.24
C LYS A 280 29.09 19.56 9.47
N GLU A 281 27.76 19.44 9.39
CA GLU A 281 27.14 18.46 8.53
C GLU A 281 27.10 18.96 7.09
N ASN A 282 27.45 18.07 6.19
CA ASN A 282 27.39 18.36 4.84
C ASN A 282 25.94 18.26 4.41
N VAL A 283 25.29 19.29 3.85
CA VAL A 283 23.95 19.15 3.33
C VAL A 283 23.93 19.40 1.84
N LYS A 284 22.94 18.94 1.13
CA LYS A 284 22.93 18.95 -0.26
C LYS A 284 21.55 19.36 -0.80
N PHE A 285 21.52 19.91 -2.02
CA PHE A 285 20.43 20.40 -2.76
C PHE A 285 20.51 19.65 -4.06
N VAL A 286 19.51 18.83 -4.36
CA VAL A 286 19.59 17.98 -5.49
C VAL A 286 18.35 18.12 -6.36
N TYR A 287 18.57 18.14 -7.66
CA TYR A 287 17.52 18.19 -8.59
C TYR A 287 17.92 17.37 -9.80
N SER A 288 16.98 17.07 -10.67
CA SER A 288 17.14 16.14 -11.71
C SER A 288 17.07 16.94 -12.98
N ILE A 289 17.92 16.59 -13.96
CA ILE A 289 17.80 17.33 -15.25
C ILE A 289 17.74 16.30 -16.35
N ASN A 290 16.97 16.64 -17.37
CA ASN A 290 16.77 15.89 -18.58
C ASN A 290 18.06 15.97 -19.38
N ILE A 291 18.65 14.83 -19.75
CA ILE A 291 19.86 14.77 -20.45
C ILE A 291 19.68 14.20 -21.86
N ARG A 292 18.42 14.10 -22.27
CA ARG A 292 18.01 13.59 -23.55
C ARG A 292 18.64 14.41 -24.66
N ARG A 293 18.47 15.74 -24.60
CA ARG A 293 18.92 16.58 -25.73
C ARG A 293 20.45 16.79 -25.62
N LEU A 294 21.01 16.60 -24.43
CA LEU A 294 22.41 16.95 -24.16
C LEU A 294 23.45 15.84 -24.53
N MET A 295 23.07 14.59 -24.78
CA MET A 295 24.09 13.51 -25.04
C MET A 295 24.64 13.69 -26.46
N ASN A 296 25.72 12.94 -26.78
CA ASN A 296 26.30 12.96 -28.10
C ASN A 296 26.60 11.52 -28.44
N PRO A 297 25.69 10.95 -29.26
CA PRO A 297 24.45 11.56 -29.79
C PRO A 297 23.23 11.67 -28.85
N PRO A 298 22.21 12.50 -29.15
CA PRO A 298 21.09 12.70 -28.23
C PRO A 298 20.28 11.38 -28.07
N LEU A 299 19.46 11.31 -27.03
CA LEU A 299 18.64 10.11 -26.86
C LEU A 299 17.50 10.24 -27.83
N PRO A 300 16.98 9.16 -28.44
CA PRO A 300 15.83 9.30 -29.33
C PRO A 300 14.60 9.87 -28.59
N LYS A 301 13.69 10.49 -29.34
CA LYS A 301 12.51 11.20 -28.76
C LYS A 301 11.56 10.21 -28.03
N GLY A 302 11.50 8.96 -28.55
CA GLY A 302 10.66 7.95 -28.02
C GLY A 302 11.28 7.22 -26.85
N TYR A 303 12.43 7.65 -26.38
CA TYR A 303 13.08 6.97 -25.27
C TYR A 303 12.35 7.35 -23.99
N TRP A 304 11.85 6.32 -23.28
CA TRP A 304 10.96 6.56 -22.15
C TRP A 304 11.52 5.98 -20.85
N GLY A 305 12.67 5.33 -20.83
CA GLY A 305 13.34 5.13 -19.57
C GLY A 305 13.83 6.44 -18.95
N ASN A 306 14.60 6.28 -17.86
CA ASN A 306 15.20 7.31 -17.16
C ASN A 306 16.29 7.93 -18.06
N GLY A 307 16.15 9.25 -18.22
CA GLY A 307 16.90 10.05 -19.09
C GLY A 307 17.27 11.33 -18.36
N CYS A 308 17.60 11.19 -17.09
CA CYS A 308 17.87 12.29 -16.19
C CYS A 308 19.02 11.89 -15.29
N VAL A 309 19.83 12.88 -14.85
CA VAL A 309 20.80 12.65 -13.81
C VAL A 309 20.59 13.70 -12.76
N PRO A 310 20.91 13.40 -11.48
CA PRO A 310 20.83 14.40 -10.43
C PRO A 310 22.04 15.35 -10.50
N MET A 311 21.75 16.64 -10.29
CA MET A 311 22.70 17.64 -10.07
C MET A 311 22.62 18.04 -8.61
N TYR A 312 23.77 18.47 -8.07
CA TYR A 312 23.90 18.84 -6.68
C TYR A 312 24.67 20.16 -6.48
N ALA A 313 24.43 20.78 -5.34
CA ALA A 313 25.20 21.72 -4.70
C ALA A 313 25.38 21.27 -3.27
N GLN A 314 26.48 21.55 -2.56
CA GLN A 314 26.60 21.07 -1.17
C GLN A 314 27.31 22.16 -0.37
N ILE A 315 27.12 22.22 0.94
CA ILE A 315 27.68 23.12 1.77
C ILE A 315 27.53 22.57 3.18
N LYS A 316 28.36 23.05 4.10
CA LYS A 316 28.26 22.72 5.50
C LYS A 316 26.96 23.41 6.01
N ALA A 317 26.23 22.78 6.94
CA ALA A 317 24.91 23.34 7.36
C ALA A 317 25.05 24.72 7.99
N GLY A 318 26.00 24.81 8.90
CA GLY A 318 26.41 26.09 9.50
C GLY A 318 26.59 27.20 8.47
N GLU A 319 27.26 26.92 7.35
CA GLU A 319 27.44 28.02 6.38
C GLU A 319 26.10 28.42 5.79
N LEU A 320 25.31 27.45 5.40
CA LEU A 320 24.03 27.72 4.76
C LEU A 320 23.08 28.50 5.68
N ILE A 321 23.10 28.23 7.00
CA ILE A 321 22.05 28.87 7.77
C ILE A 321 22.43 30.29 8.05
N GLU A 322 23.71 30.62 7.89
CA GLU A 322 24.16 31.95 8.27
C GLU A 322 24.77 32.78 7.09
N GLN A 323 25.02 32.18 5.93
CA GLN A 323 25.52 32.95 4.82
C GLN A 323 24.35 33.66 4.20
N PRO A 324 24.51 34.76 3.46
CA PRO A 324 23.40 35.42 2.81
C PRO A 324 22.77 34.53 1.76
N ILE A 325 21.51 34.82 1.44
CA ILE A 325 20.79 34.08 0.45
C ILE A 325 21.43 34.20 -0.93
N TRP A 326 21.95 35.39 -1.26
CA TRP A 326 22.48 35.55 -2.59
C TRP A 326 23.64 34.59 -2.80
N LYS A 327 24.39 34.24 -1.77
CA LYS A 327 25.50 33.30 -1.92
C LYS A 327 24.94 31.89 -2.18
N THR A 328 23.99 31.45 -1.35
CA THR A 328 23.30 30.19 -1.52
C THR A 328 22.60 30.14 -2.89
N ALA A 329 21.87 31.18 -3.27
CA ALA A 329 21.30 31.17 -4.62
C ALA A 329 22.41 31.05 -5.68
N GLU A 330 23.59 31.63 -5.42
CA GLU A 330 24.69 31.55 -6.42
C GLU A 330 25.16 30.10 -6.55
N LEU A 331 25.26 29.46 -5.40
CA LEU A 331 25.76 28.09 -5.34
C LEU A 331 24.89 27.18 -6.18
N ILE A 332 23.57 27.42 -6.19
CA ILE A 332 22.62 26.58 -6.90
C ILE A 332 22.68 26.90 -8.38
N LYS A 333 22.70 28.20 -8.73
CA LYS A 333 22.94 28.61 -10.11
C LYS A 333 24.25 27.98 -10.64
N GLN A 334 25.31 27.86 -9.82
CA GLN A 334 26.55 27.30 -10.35
C GLN A 334 26.47 25.79 -10.56
N SER A 335 25.43 25.12 -10.08
CA SER A 335 25.38 23.65 -10.11
C SER A 335 25.01 23.17 -11.47
N LYS A 336 24.31 23.98 -12.25
CA LYS A 336 24.01 23.50 -13.56
C LYS A 336 25.27 23.61 -14.44
N SER A 337 26.35 24.25 -13.95
CA SER A 337 27.69 24.13 -14.64
C SER A 337 27.93 22.68 -14.96
N ASN A 338 27.72 21.78 -13.99
CA ASN A 338 28.24 20.48 -14.21
C ASN A 338 27.41 19.77 -15.29
N THR A 339 26.39 20.42 -15.85
CA THR A 339 25.57 19.72 -16.80
C THR A 339 26.35 19.56 -18.14
N SER A 340 26.77 18.32 -18.40
CA SER A 340 27.37 17.93 -19.67
C SER A 340 27.22 16.43 -19.98
N ASP A 341 27.44 16.10 -21.25
CA ASP A 341 27.64 14.75 -21.70
C ASP A 341 28.55 13.97 -20.76
N GLU A 342 29.72 14.50 -20.44
CA GLU A 342 30.72 13.76 -19.63
C GLU A 342 30.17 13.48 -18.21
N TYR A 343 29.41 14.43 -17.69
CA TYR A 343 28.84 14.28 -16.36
C TYR A 343 27.95 13.02 -16.35
N VAL A 344 27.16 12.84 -17.39
CA VAL A 344 26.33 11.73 -17.48
C VAL A 344 27.19 10.49 -17.62
N ARG A 345 28.16 10.50 -18.53
CA ARG A 345 28.87 9.29 -18.78
C ARG A 345 29.69 8.91 -17.57
N SER A 346 30.10 9.89 -16.77
CA SER A 346 30.75 9.64 -15.46
C SER A 346 29.79 8.94 -14.44
N PHE A 347 28.58 9.49 -14.32
CA PHE A 347 27.59 8.96 -13.45
C PHE A 347 27.24 7.49 -13.81
N ILE A 348 27.06 7.23 -15.09
CA ILE A 348 26.80 5.92 -15.52
C ILE A 348 27.97 5.01 -15.17
N ASP A 349 29.19 5.47 -15.44
CA ASP A 349 30.30 4.58 -15.30
C ASP A 349 30.53 4.33 -13.81
N PHE A 350 30.24 5.30 -12.98
CA PHE A 350 30.32 5.10 -11.51
C PHE A 350 29.35 3.96 -11.11
N GLN A 351 28.15 3.95 -11.69
CA GLN A 351 27.20 2.85 -11.45
C GLN A 351 27.73 1.51 -11.96
N GLU A 352 28.39 1.48 -13.12
CA GLU A 352 28.95 0.24 -13.62
C GLU A 352 29.93 -0.30 -12.60
N LEU A 353 30.70 0.59 -12.00
CA LEU A 353 31.79 0.21 -11.16
C LEU A 353 31.31 -0.22 -9.78
N HIS A 354 30.28 0.41 -9.26
CA HIS A 354 30.07 0.40 -7.86
C HIS A 354 28.60 0.16 -7.51
N HIS A 355 27.82 -0.41 -8.43
CA HIS A 355 26.39 -0.72 -8.16
C HIS A 355 26.27 -1.61 -6.91
N LYS A 356 27.18 -2.59 -6.82
CA LYS A 356 27.15 -3.56 -5.79
C LYS A 356 27.66 -3.01 -4.42
N ASP A 357 28.00 -1.72 -4.31
CA ASP A 357 28.81 -1.30 -3.19
C ASP A 357 28.12 -0.18 -2.44
N GLY A 358 26.90 0.22 -2.84
CA GLY A 358 26.10 1.09 -1.98
C GLY A 358 26.26 2.56 -2.34
N ILE A 359 26.05 2.90 -3.62
CA ILE A 359 26.27 4.29 -4.07
C ILE A 359 25.20 5.18 -3.41
N ASN A 360 25.61 6.27 -2.78
CA ASN A 360 24.73 7.16 -2.22
C ASN A 360 25.34 8.54 -2.07
N ALA A 361 24.44 9.53 -1.88
CA ALA A 361 24.80 10.87 -1.65
C ALA A 361 24.70 11.24 -0.19
N GLY A 362 24.59 10.24 0.68
CA GLY A 362 24.55 10.49 2.14
C GLY A 362 23.28 11.18 2.69
N THR A 363 23.41 11.59 3.97
CA THR A 363 22.47 12.27 4.72
C THR A 363 22.44 13.75 4.36
N GLY A 364 21.50 14.55 4.88
CA GLY A 364 21.31 15.93 4.53
C GLY A 364 20.93 16.27 3.10
N VAL A 365 20.35 15.40 2.30
CA VAL A 365 19.91 15.77 0.99
C VAL A 365 18.45 16.21 0.95
N THR A 366 18.15 17.34 0.40
CA THR A 366 16.92 17.81 0.11
C THR A 366 16.81 17.88 -1.40
N GLY A 367 15.84 17.16 -1.95
CA GLY A 367 15.51 17.11 -3.36
C GLY A 367 14.50 18.16 -3.71
N PHE A 368 14.54 18.66 -4.93
CA PHE A 368 13.69 19.63 -5.36
C PHE A 368 13.22 19.28 -6.76
N THR A 369 11.96 19.58 -7.07
CA THR A 369 11.44 19.19 -8.35
C THR A 369 10.51 20.31 -8.78
N ASP A 370 10.73 20.85 -9.98
CA ASP A 370 9.98 21.96 -10.50
C ASP A 370 9.03 21.41 -11.52
N TRP A 371 7.76 21.75 -11.37
CA TRP A 371 6.70 21.18 -12.21
C TRP A 371 5.86 22.29 -12.89
N ARG A 372 6.32 23.54 -12.72
CA ARG A 372 5.57 24.70 -13.07
C ARG A 372 5.35 24.89 -14.56
N TYR A 373 6.24 24.30 -15.40
CA TYR A 373 6.26 24.51 -16.88
C TYR A 373 6.45 23.17 -17.58
N LEU A 374 5.86 22.09 -17.08
CA LEU A 374 5.82 20.91 -17.95
C LEU A 374 4.46 21.00 -18.66
N GLY A 375 4.14 20.03 -19.55
CA GLY A 375 2.89 20.07 -20.42
C GLY A 375 1.74 19.19 -19.87
N HIS A 376 1.35 19.49 -18.63
CA HIS A 376 0.27 18.74 -17.90
C HIS A 376 -0.99 18.64 -18.74
N SER A 377 -1.19 19.68 -19.54
CA SER A 377 -2.46 19.94 -20.10
C SER A 377 -2.70 19.12 -21.36
N THR A 378 -1.72 18.42 -21.95
CA THR A 378 -2.10 17.59 -23.12
C THR A 378 -2.55 16.18 -22.70
N ILE A 379 -2.38 15.82 -21.43
CA ILE A 379 -2.95 14.55 -20.94
C ILE A 379 -4.47 14.75 -20.88
N ASP A 380 -5.08 14.80 -22.06
CA ASP A 380 -6.45 15.12 -22.18
C ASP A 380 -7.16 13.88 -22.69
N PHE A 381 -8.04 13.34 -21.85
CA PHE A 381 -8.70 12.10 -22.14
C PHE A 381 -10.08 12.35 -22.78
N GLY A 382 -10.60 13.59 -22.73
CA GLY A 382 -11.99 13.96 -23.08
C GLY A 382 -12.53 15.13 -22.24
N TRP A 383 -12.03 15.26 -21.01
CA TRP A 383 -12.55 16.15 -19.96
C TRP A 383 -11.63 17.37 -19.80
N GLY A 384 -10.90 17.66 -20.88
CA GLY A 384 -9.88 18.61 -20.90
C GLY A 384 -8.69 18.09 -20.15
N GLY A 385 -7.68 18.95 -20.09
CA GLY A 385 -6.50 18.77 -19.28
C GLY A 385 -6.85 18.89 -17.81
N PRO A 386 -5.94 18.38 -16.95
CA PRO A 386 -6.20 18.26 -15.53
C PRO A 386 -6.21 19.65 -14.91
N VAL A 387 -7.20 19.96 -14.07
CA VAL A 387 -7.30 21.34 -13.45
C VAL A 387 -6.19 21.54 -12.39
N THR A 388 -5.83 20.45 -11.67
CA THR A 388 -4.63 20.39 -10.82
C THR A 388 -4.01 18.99 -10.77
N VAL A 389 -2.73 18.93 -10.37
CA VAL A 389 -1.92 17.69 -10.41
C VAL A 389 -1.18 17.61 -9.05
N LEU A 390 -0.92 16.42 -8.47
CA LEU A 390 -0.36 16.35 -7.07
C LEU A 390 0.52 15.12 -6.80
N PRO A 391 1.81 15.31 -6.39
CA PRO A 391 2.68 14.19 -6.08
C PRO A 391 2.63 13.76 -4.63
N LEU A 392 2.63 12.47 -4.37
CA LEU A 392 2.35 11.95 -3.07
C LEU A 392 3.62 11.33 -2.49
N SER A 393 4.54 10.91 -3.36
CA SER A 393 5.79 10.27 -2.89
C SER A 393 6.60 11.29 -2.07
N ASN A 394 7.25 10.82 -1.01
CA ASN A 394 8.13 11.63 -0.20
C ASN A 394 9.54 11.04 -0.18
N LYS A 395 9.79 10.21 -1.17
CA LYS A 395 11.05 9.58 -1.25
C LYS A 395 11.51 9.75 -2.68
N LEU A 396 12.57 10.55 -2.84
CA LEU A 396 12.93 10.94 -4.19
C LEU A 396 14.30 11.59 -4.21
N LEU A 397 15.13 11.33 -5.23
CA LEU A 397 16.44 12.01 -5.31
C LEU A 397 17.28 11.72 -4.08
N GLY A 398 17.14 10.55 -3.48
CA GLY A 398 17.93 10.18 -2.31
C GLY A 398 17.64 11.01 -1.09
N SER A 399 16.46 11.62 -1.12
CA SER A 399 15.91 12.51 -0.09
C SER A 399 14.68 11.88 0.61
N MET A 400 14.52 12.18 1.89
CA MET A 400 13.32 11.77 2.60
C MET A 400 12.37 12.95 2.81
N GLU A 401 12.71 14.14 2.28
CA GLU A 401 12.09 15.39 2.50
C GLU A 401 12.12 16.19 1.22
N PRO A 402 11.60 15.63 0.11
CA PRO A 402 11.60 16.30 -1.17
C PRO A 402 10.57 17.42 -1.18
N CYS A 403 10.88 18.48 -1.93
N CYS A 403 10.85 18.41 -2.01
CA CYS A 403 10.08 19.67 -2.16
CA CYS A 403 10.05 19.58 -2.16
C CYS A 403 9.74 19.72 -3.64
C CYS A 403 9.74 19.72 -3.64
N PHE A 404 8.55 20.25 -3.94
CA PHE A 404 8.02 20.34 -5.28
C PHE A 404 7.44 21.72 -5.51
N PHE A 405 7.70 22.31 -6.69
CA PHE A 405 7.06 23.55 -7.09
C PHE A 405 5.97 23.10 -8.06
N LEU A 406 4.71 23.40 -7.74
CA LEU A 406 3.50 22.87 -8.50
C LEU A 406 3.04 23.87 -9.53
N PRO A 407 2.43 23.48 -10.67
CA PRO A 407 2.05 24.45 -11.69
C PRO A 407 0.99 25.43 -11.19
N TYR A 408 0.66 26.38 -12.11
CA TYR A 408 -0.39 27.44 -12.07
C TYR A 408 -1.71 26.82 -12.60
N SER A 409 -2.89 27.19 -12.02
CA SER A 409 -4.26 26.97 -12.60
C SER A 409 -4.21 26.93 -14.14
N LYS A 417 -2.66 39.84 -10.53
CA LYS A 417 -1.24 40.08 -10.16
C LYS A 417 -1.04 39.58 -8.75
N LYS A 418 -1.74 40.30 -7.85
CA LYS A 418 -1.49 40.33 -6.39
C LYS A 418 -1.66 38.91 -5.84
N ASP A 419 -2.85 38.31 -6.14
CA ASP A 419 -3.28 36.92 -5.76
C ASP A 419 -2.57 35.87 -6.68
N SER A 420 -1.85 36.25 -7.77
CA SER A 420 -1.36 35.23 -8.75
C SER A 420 -0.01 34.63 -8.32
N GLY A 421 0.26 33.33 -8.62
CA GLY A 421 1.28 32.54 -7.83
C GLY A 421 1.20 31.02 -8.06
N PHE A 422 2.04 30.22 -7.37
CA PHE A 422 1.96 28.72 -7.40
C PHE A 422 2.12 28.16 -5.98
N LYS A 423 1.86 26.87 -5.87
CA LYS A 423 1.90 26.15 -4.59
C LYS A 423 3.27 25.45 -4.57
N VAL A 424 3.88 25.47 -3.40
CA VAL A 424 5.10 24.86 -3.03
C VAL A 424 4.74 23.79 -2.01
N LEU A 425 5.08 22.55 -2.32
CA LEU A 425 4.74 21.44 -1.52
C LEU A 425 6.00 20.96 -0.80
N VAL A 426 6.02 20.99 0.55
CA VAL A 426 7.22 20.55 1.21
C VAL A 426 6.94 19.37 2.17
N ASN A 427 7.73 18.30 1.98
CA ASN A 427 7.83 17.16 2.82
C ASN A 427 8.91 17.34 3.87
N LEU A 428 8.54 17.55 5.12
CA LEU A 428 9.52 17.90 6.16
C LEU A 428 9.21 17.15 7.46
N ARG A 429 10.22 16.62 8.14
CA ARG A 429 9.99 15.94 9.36
C ARG A 429 9.12 16.80 10.29
N GLU A 430 8.29 16.09 11.10
CA GLU A 430 7.24 16.67 11.95
C GLU A 430 7.78 17.71 12.93
N SER A 431 8.97 17.44 13.50
CA SER A 431 9.61 18.32 14.58
C SER A 431 9.99 19.70 14.00
N ALA A 432 10.35 19.71 12.71
CA ALA A 432 10.83 20.94 12.10
C ALA A 432 9.67 21.75 11.50
N MET A 433 8.53 21.13 11.20
CA MET A 433 7.52 21.86 10.43
C MET A 433 6.97 23.11 11.13
N PRO A 434 6.82 23.25 12.48
CA PRO A 434 6.43 24.53 13.05
C PRO A 434 7.40 25.68 12.69
N GLU A 435 8.71 25.44 12.83
CA GLU A 435 9.65 26.53 12.55
C GLU A 435 9.66 26.84 11.05
N PHE A 436 9.44 25.83 10.23
CA PHE A 436 9.33 26.06 8.81
C PHE A 436 8.09 26.88 8.46
N LYS A 437 6.93 26.62 9.08
CA LYS A 437 5.73 27.42 8.78
C LYS A 437 6.02 28.89 9.05
N GLU A 438 6.70 29.17 10.14
CA GLU A 438 7.00 30.52 10.58
C GLU A 438 7.90 31.20 9.52
N ALA A 439 8.87 30.44 8.97
CA ALA A 439 9.72 30.89 7.94
C ALA A 439 8.92 31.24 6.69
N MET A 440 7.95 30.41 6.30
CA MET A 440 7.17 30.74 5.07
C MET A 440 6.19 31.88 5.35
N ASP A 441 5.92 32.15 6.61
CA ASP A 441 4.99 33.21 6.91
C ASP A 441 5.74 34.54 6.80
N LYS A 442 7.00 34.56 7.24
CA LYS A 442 7.84 35.74 7.05
C LYS A 442 8.05 36.01 5.54
N PHE A 443 8.24 34.96 4.73
CA PHE A 443 8.36 35.11 3.28
C PHE A 443 7.12 35.78 2.72
N HIS A 444 5.96 35.17 3.03
CA HIS A 444 4.65 35.68 2.60
C HIS A 444 4.52 37.19 2.81
N LYS A 445 5.02 37.67 3.96
CA LYS A 445 5.02 39.10 4.35
C LYS A 445 6.26 39.87 3.84
N GLY A 446 7.19 39.16 3.18
CA GLY A 446 8.36 39.76 2.59
C GLY A 446 9.40 40.20 3.61
N GLU A 447 9.46 39.51 4.79
CA GLU A 447 10.59 39.52 5.78
C GLU A 447 11.56 38.34 5.47
N PHE A 448 12.44 38.57 4.51
CA PHE A 448 13.24 37.56 3.88
C PHE A 448 14.51 37.23 4.67
N ALA A 449 14.89 38.12 5.58
CA ALA A 449 16.17 38.01 6.27
C ALA A 449 17.28 37.45 5.35
N LEU A 450 17.71 38.29 4.41
CA LEU A 450 18.65 37.87 3.32
C LEU A 450 20.08 37.69 3.86
N SER A 451 20.48 38.45 4.90
CA SER A 451 21.58 38.05 5.84
C SER A 451 21.22 38.44 7.31
N ASP B 8 7.24 -35.72 5.32
CA ASP B 8 8.56 -35.00 5.60
C ASP B 8 8.33 -33.62 6.26
N ILE B 9 8.76 -33.37 7.51
CA ILE B 9 8.43 -32.05 8.21
C ILE B 9 9.68 -31.38 8.83
N ALA B 10 10.11 -30.29 8.17
CA ALA B 10 11.32 -29.49 8.55
C ALA B 10 10.97 -28.50 9.68
N LEU B 11 11.76 -28.49 10.77
CA LEU B 11 11.57 -27.57 11.87
C LEU B 11 12.44 -26.32 11.66
N VAL B 12 11.90 -25.25 11.06
CA VAL B 12 12.71 -24.10 10.63
C VAL B 12 12.94 -23.15 11.81
N GLN B 13 14.20 -22.91 12.14
CA GLN B 13 14.60 -21.91 13.14
C GLN B 13 15.11 -20.67 12.40
N PRO B 14 15.21 -19.50 13.10
CA PRO B 14 15.78 -18.30 12.47
C PRO B 14 17.19 -18.58 11.93
N SER B 15 17.50 -18.01 10.75
CA SER B 15 18.83 -18.13 10.08
C SER B 15 19.90 -17.83 11.12
N HIS B 16 19.78 -16.62 11.69
CA HIS B 16 20.65 -16.02 12.73
C HIS B 16 19.82 -15.98 14.03
N GLN B 17 20.39 -16.35 15.18
CA GLN B 17 19.60 -16.51 16.43
C GLN B 17 19.50 -15.18 17.19
N PRO B 18 18.29 -14.57 17.35
CA PRO B 18 18.15 -13.24 17.99
C PRO B 18 18.01 -13.16 19.52
N LEU B 19 17.41 -14.20 20.11
CA LEU B 19 17.13 -14.28 21.54
C LEU B 19 18.31 -14.89 22.26
N SER B 20 18.81 -14.21 23.31
CA SER B 20 19.97 -14.73 24.09
C SER B 20 19.42 -15.65 25.20
N ASN B 21 18.49 -15.09 25.99
CA ASN B 21 17.81 -15.81 27.06
C ASN B 21 16.30 -15.62 26.84
N ASP B 22 15.52 -16.55 27.42
CA ASP B 22 14.09 -16.69 27.18
C ASP B 22 13.37 -15.31 27.24
N GLN B 23 12.09 -15.26 26.87
CA GLN B 23 11.42 -14.00 26.73
C GLN B 23 9.92 -14.25 26.62
N THR B 24 9.16 -13.79 27.61
CA THR B 24 7.71 -13.87 27.59
C THR B 24 7.13 -12.50 27.17
N LEU B 25 6.39 -12.50 26.05
CA LEU B 25 5.68 -11.30 25.64
C LEU B 25 4.19 -11.43 26.03
N SER B 26 3.61 -10.34 26.55
CA SER B 26 2.18 -10.31 26.68
C SER B 26 1.56 -9.82 25.35
N LEU B 27 0.28 -10.15 25.22
CA LEU B 27 -0.46 -9.83 24.07
C LEU B 27 -1.47 -8.77 24.47
N SER B 28 -2.01 -8.10 23.47
CA SER B 28 -2.86 -6.99 23.72
C SER B 28 -4.21 -7.53 24.17
N HIS B 29 -4.98 -6.62 24.75
CA HIS B 29 -6.39 -6.90 25.03
C HIS B 29 -7.20 -7.33 23.78
N LEU B 30 -6.75 -7.00 22.56
CA LEU B 30 -7.46 -7.48 21.37
C LEU B 30 -7.00 -8.91 21.08
N ASP B 31 -5.75 -9.22 21.40
CA ASP B 31 -5.18 -10.52 21.15
C ASP B 31 -5.92 -11.59 22.01
N ASN B 32 -6.35 -11.18 23.21
CA ASN B 32 -6.75 -12.10 24.22
C ASN B 32 -8.26 -12.21 24.32
N ASP B 33 -8.92 -11.61 23.33
CA ASP B 33 -10.33 -11.82 23.05
C ASP B 33 -10.64 -13.31 22.88
N ASN B 34 -11.68 -13.83 23.57
CA ASN B 34 -11.97 -15.33 23.61
C ASN B 34 -12.44 -15.79 22.20
N ASN B 35 -12.93 -14.87 21.38
CA ASN B 35 -13.33 -15.23 20.03
C ASN B 35 -12.13 -15.60 19.13
N LEU B 36 -10.92 -15.26 19.58
CA LEU B 36 -9.81 -15.49 18.74
C LEU B 36 -9.06 -16.74 19.21
N HIS B 37 -9.55 -17.46 20.23
CA HIS B 37 -8.83 -18.68 20.65
C HIS B 37 -9.05 -19.79 19.60
N VAL B 38 -8.56 -19.61 18.38
CA VAL B 38 -8.81 -20.57 17.30
C VAL B 38 -7.65 -20.50 16.35
N SER B 39 -7.44 -21.59 15.60
CA SER B 39 -6.36 -21.62 14.65
C SER B 39 -6.93 -21.21 13.31
N PHE B 40 -6.38 -20.15 12.72
CA PHE B 40 -6.89 -19.69 11.46
C PHE B 40 -6.19 -20.46 10.33
N ARG B 41 -6.95 -21.07 9.44
CA ARG B 41 -6.40 -21.99 8.49
C ARG B 41 -6.66 -21.48 7.07
N TYR B 42 -5.58 -21.19 6.31
CA TYR B 42 -5.84 -20.83 4.90
C TYR B 42 -4.69 -21.25 3.98
N LEU B 43 -5.04 -21.28 2.69
CA LEU B 43 -4.13 -21.72 1.76
C LEU B 43 -4.12 -20.78 0.56
N ARG B 44 -2.93 -20.75 -0.08
CA ARG B 44 -2.59 -20.04 -1.32
C ARG B 44 -2.20 -21.07 -2.38
N VAL B 45 -2.76 -20.93 -3.59
CA VAL B 45 -2.42 -21.72 -4.82
C VAL B 45 -1.56 -20.87 -5.81
N TYR B 46 -0.54 -21.48 -6.46
CA TYR B 46 0.38 -20.83 -7.47
C TYR B 46 0.66 -21.81 -8.62
N SER B 47 0.79 -21.35 -9.89
CA SER B 47 1.13 -22.22 -11.17
C SER B 47 2.64 -22.41 -11.40
N SER B 48 3.04 -22.73 -12.67
CA SER B 48 4.43 -22.86 -13.30
C SER B 48 5.09 -24.20 -12.94
N GLU B 56 15.95 -23.77 -7.80
CA GLU B 56 15.45 -24.09 -6.45
C GLU B 56 13.93 -24.30 -6.45
N SER B 57 13.47 -25.24 -5.62
CA SER B 57 11.99 -25.57 -5.60
C SER B 57 11.24 -24.70 -4.59
N PRO B 58 9.92 -24.49 -4.78
CA PRO B 58 9.15 -23.78 -3.76
C PRO B 58 9.33 -24.32 -2.31
N SER B 59 9.61 -25.61 -2.09
CA SER B 59 9.80 -26.14 -0.75
C SER B 59 10.94 -25.36 -0.07
N ALA B 60 12.08 -25.35 -0.79
CA ALA B 60 13.37 -24.84 -0.38
C ALA B 60 13.32 -23.31 -0.25
N VAL B 61 12.59 -22.65 -1.18
CA VAL B 61 12.57 -21.17 -1.29
C VAL B 61 11.82 -20.54 -0.09
N VAL B 62 10.73 -21.20 0.37
CA VAL B 62 9.87 -20.76 1.50
C VAL B 62 10.51 -21.09 2.87
N SER B 63 11.22 -22.22 2.99
CA SER B 63 12.07 -22.51 4.19
C SER B 63 13.21 -21.47 4.38
N ALA B 64 13.78 -20.99 3.26
CA ALA B 64 14.86 -19.98 3.37
C ALA B 64 14.27 -18.61 3.74
N SER B 65 13.17 -18.21 3.07
CA SER B 65 12.41 -16.98 3.45
C SER B 65 12.02 -17.05 4.93
N LEU B 66 11.46 -18.21 5.34
CA LEU B 66 10.90 -18.41 6.68
C LEU B 66 12.01 -18.16 7.72
N ALA B 67 13.13 -18.86 7.51
CA ALA B 67 14.29 -18.80 8.38
C ALA B 67 14.75 -17.35 8.60
N THR B 68 14.80 -16.53 7.51
CA THR B 68 15.34 -15.12 7.58
C THR B 68 14.31 -14.12 8.15
N ALA B 69 13.02 -14.42 7.93
CA ALA B 69 11.94 -13.59 8.48
C ALA B 69 11.78 -13.88 9.97
N LEU B 70 12.04 -15.15 10.36
CA LEU B 70 12.01 -15.53 11.76
C LEU B 70 13.03 -14.77 12.61
N VAL B 71 14.07 -14.18 11.98
CA VAL B 71 15.00 -13.27 12.70
C VAL B 71 14.18 -12.12 13.28
N HIS B 72 13.20 -11.63 12.51
CA HIS B 72 12.36 -10.51 12.95
C HIS B 72 10.98 -10.98 13.49
N TYR B 73 10.50 -12.17 13.07
CA TYR B 73 9.13 -12.67 13.43
C TYR B 73 9.21 -13.92 14.36
N TYR B 74 10.22 -13.94 15.24
CA TYR B 74 10.57 -15.11 16.03
C TYR B 74 9.48 -15.49 17.03
N PRO B 75 8.56 -14.59 17.40
CA PRO B 75 7.42 -14.94 18.26
C PRO B 75 6.49 -16.02 17.68
N LEU B 76 6.29 -16.04 16.35
CA LEU B 76 5.52 -17.11 15.67
C LEU B 76 6.12 -18.48 16.05
N ALA B 77 7.42 -18.51 16.39
CA ALA B 77 8.08 -19.79 16.74
C ALA B 77 7.69 -20.22 18.17
N GLY B 78 7.29 -19.22 18.95
CA GLY B 78 7.01 -19.35 20.38
C GLY B 78 5.76 -20.17 20.63
N SER B 79 5.55 -20.54 21.91
CA SER B 79 4.36 -21.27 22.48
C SER B 79 3.45 -20.33 23.28
N LEU B 80 2.14 -20.39 23.01
CA LEU B 80 1.12 -19.75 23.86
C LEU B 80 0.93 -20.58 25.11
N ARG B 81 0.85 -19.99 26.30
CA ARG B 81 0.18 -20.72 27.42
C ARG B 81 -0.67 -19.75 28.27
N ARG B 82 -1.35 -20.29 29.30
CA ARG B 82 -2.48 -19.56 29.94
C ARG B 82 -2.03 -18.61 31.09
N SER B 83 -0.92 -18.88 31.81
CA SER B 83 -0.49 -18.04 33.02
C SER B 83 -1.50 -18.14 34.17
N ALA B 84 -1.02 -18.54 35.36
CA ALA B 84 -1.89 -18.99 36.47
C ALA B 84 -2.63 -17.79 37.12
N SER B 85 -2.06 -16.56 36.99
CA SER B 85 -2.59 -15.34 37.68
C SER B 85 -3.96 -14.91 37.08
N ASP B 86 -4.05 -14.60 35.75
CA ASP B 86 -5.36 -14.66 34.99
C ASP B 86 -5.30 -15.74 33.88
N ASN B 87 -6.36 -15.83 33.07
CA ASN B 87 -6.49 -16.81 31.96
C ASN B 87 -6.03 -16.31 30.59
N ARG B 88 -5.30 -15.17 30.61
CA ARG B 88 -4.82 -14.48 29.41
C ARG B 88 -3.65 -15.26 28.81
N PHE B 89 -3.50 -15.18 27.50
CA PHE B 89 -2.36 -15.78 26.86
C PHE B 89 -1.16 -14.83 26.98
N GLU B 90 0.00 -15.41 27.33
CA GLU B 90 1.36 -14.84 27.07
C GLU B 90 2.14 -15.83 26.16
N LEU B 91 3.14 -15.29 25.46
CA LEU B 91 3.84 -15.97 24.41
C LEU B 91 5.28 -16.16 24.87
N LEU B 92 5.64 -17.41 25.24
CA LEU B 92 7.00 -17.85 25.61
C LEU B 92 7.86 -18.01 24.33
N CYS B 93 8.95 -17.22 24.30
CA CYS B 93 9.96 -17.27 23.27
C CYS B 93 11.29 -17.68 23.88
N SER B 94 11.96 -18.63 23.23
CA SER B 94 13.23 -19.25 23.70
C SER B 94 14.06 -19.70 22.49
N ALA B 95 15.39 -19.66 22.64
CA ALA B 95 16.29 -20.09 21.58
C ALA B 95 16.14 -21.62 21.41
N GLY B 96 15.97 -22.02 20.15
CA GLY B 96 15.68 -23.39 19.74
C GLY B 96 14.28 -23.54 19.19
N GLN B 97 13.46 -22.53 19.41
CA GLN B 97 12.10 -22.57 18.95
C GLN B 97 12.10 -22.46 17.42
N SER B 98 11.08 -23.06 16.79
CA SER B 98 11.01 -23.30 15.33
C SER B 98 9.56 -23.34 14.85
N VAL B 99 9.34 -22.91 13.62
CA VAL B 99 8.04 -23.05 12.90
C VAL B 99 8.11 -24.30 12.02
N PRO B 100 7.23 -25.33 12.22
CA PRO B 100 7.18 -26.49 11.30
C PRO B 100 6.68 -26.20 9.87
N LEU B 101 7.46 -26.73 8.91
CA LEU B 101 7.13 -26.68 7.50
C LEU B 101 6.86 -28.11 7.01
N VAL B 102 5.59 -28.41 6.80
CA VAL B 102 5.18 -29.67 6.26
C VAL B 102 5.37 -29.62 4.74
N ASN B 103 6.15 -30.58 4.23
CA ASN B 103 6.30 -30.91 2.75
C ASN B 103 5.39 -32.16 2.42
N ALA B 104 4.74 -32.20 1.21
CA ALA B 104 3.73 -33.24 0.84
C ALA B 104 3.71 -33.53 -0.68
N PHE B 123 -10.57 -33.68 0.61
CA PHE B 123 -9.14 -33.70 0.23
C PHE B 123 -8.47 -32.36 0.61
N VAL B 124 -9.13 -31.27 0.20
CA VAL B 124 -8.62 -29.94 0.37
C VAL B 124 -8.26 -29.71 1.84
N GLU B 125 -8.95 -30.35 2.79
CA GLU B 125 -8.64 -30.22 4.20
C GLU B 125 -7.20 -30.70 4.52
N ARG B 126 -6.61 -31.57 3.70
CA ARG B 126 -5.24 -32.11 4.06
C ARG B 126 -4.10 -31.11 3.72
N LEU B 127 -4.48 -29.96 3.14
CA LEU B 127 -3.56 -29.02 2.52
C LEU B 127 -3.00 -28.04 3.55
N VAL B 128 -3.60 -27.96 4.73
CA VAL B 128 -3.10 -27.06 5.80
C VAL B 128 -3.36 -27.75 7.13
N PRO B 129 -2.42 -27.70 8.10
CA PRO B 129 -2.53 -28.49 9.33
C PRO B 129 -3.77 -28.10 10.16
N ASP B 130 -4.33 -29.07 10.93
CA ASP B 130 -5.62 -28.85 11.59
C ASP B 130 -5.46 -28.99 13.10
N PRO B 131 -4.53 -28.25 13.73
CA PRO B 131 -4.04 -28.61 15.06
C PRO B 131 -5.19 -28.43 16.05
N THR B 132 -5.25 -29.31 17.07
CA THR B 132 -6.23 -29.14 18.16
C THR B 132 -5.67 -28.09 19.16
N ARG B 133 -6.49 -27.68 20.16
CA ARG B 133 -6.20 -26.49 21.05
C ARG B 133 -4.74 -26.55 21.53
N GLU B 134 -4.34 -27.73 22.05
CA GLU B 134 -2.98 -27.97 22.66
C GLU B 134 -1.92 -27.75 21.58
N GLU B 135 -2.02 -28.51 20.48
CA GLU B 135 -1.11 -28.42 19.33
C GLU B 135 -1.02 -26.98 18.75
N GLY B 136 -2.14 -26.25 18.86
CA GLY B 136 -2.31 -24.88 18.35
C GLY B 136 -1.69 -23.84 19.27
N MET B 137 -1.73 -24.08 20.58
CA MET B 137 -0.99 -23.23 21.53
C MET B 137 0.51 -23.59 21.52
N VAL B 138 0.84 -24.86 21.28
CA VAL B 138 2.23 -25.35 21.28
C VAL B 138 2.92 -24.84 20.00
N ASN B 139 2.22 -24.98 18.86
CA ASN B 139 2.69 -24.46 17.55
C ASN B 139 1.64 -23.53 16.95
N PRO B 140 1.69 -22.26 17.36
CA PRO B 140 0.77 -21.26 16.86
C PRO B 140 1.03 -20.79 15.43
N CYS B 141 2.12 -21.22 14.82
CA CYS B 141 2.33 -20.97 13.40
C CYS B 141 2.87 -22.23 12.76
N ILE B 142 2.16 -22.72 11.76
CA ILE B 142 2.52 -23.94 11.07
C ILE B 142 2.26 -23.74 9.56
N LEU B 143 3.32 -23.98 8.76
CA LEU B 143 3.23 -23.84 7.34
C LEU B 143 3.30 -25.22 6.70
N GLN B 144 2.83 -25.31 5.44
CA GLN B 144 2.79 -26.53 4.60
C GLN B 144 2.99 -26.13 3.13
N VAL B 145 3.91 -26.83 2.46
CA VAL B 145 4.11 -26.66 1.01
C VAL B 145 3.79 -28.03 0.37
N THR B 146 2.68 -28.04 -0.37
CA THR B 146 2.32 -29.16 -1.19
C THR B 146 2.62 -28.77 -2.63
N MET B 147 3.56 -29.47 -3.24
CA MET B 147 3.78 -29.45 -4.68
C MET B 147 3.10 -30.72 -5.21
N PHE B 148 2.43 -30.58 -6.37
CA PHE B 148 2.14 -31.77 -7.18
C PHE B 148 2.53 -31.44 -8.64
N GLN B 149 3.13 -32.43 -9.34
CA GLN B 149 3.71 -32.44 -10.74
C GLN B 149 2.99 -31.49 -11.74
N CYS B 150 1.64 -31.34 -11.62
CA CYS B 150 0.78 -30.34 -12.39
C CYS B 150 1.22 -28.89 -12.04
N GLY B 151 2.53 -28.59 -12.26
CA GLY B 151 3.25 -27.24 -12.19
C GLY B 151 3.17 -26.55 -10.83
N GLY B 152 1.91 -26.47 -10.34
CA GLY B 152 1.49 -25.63 -9.22
C GLY B 152 1.91 -26.18 -7.87
N TRP B 153 1.69 -25.31 -6.87
CA TRP B 153 1.88 -25.69 -5.49
C TRP B 153 0.97 -24.85 -4.59
N VAL B 154 0.86 -25.31 -3.35
CA VAL B 154 0.01 -24.67 -2.40
C VAL B 154 0.78 -24.44 -1.11
N LEU B 155 0.52 -23.25 -0.55
CA LEU B 155 1.08 -22.82 0.73
C LEU B 155 -0.08 -22.73 1.75
N GLY B 156 0.00 -23.61 2.76
CA GLY B 156 -1.03 -23.71 3.73
C GLY B 156 -0.53 -23.09 5.00
N ALA B 157 -1.40 -22.41 5.76
CA ALA B 157 -0.93 -21.83 7.02
C ALA B 157 -1.96 -21.97 8.14
N SER B 158 -1.47 -22.27 9.34
CA SER B 158 -2.30 -22.47 10.50
C SER B 158 -1.78 -21.68 11.72
N ILE B 159 -2.17 -20.41 11.74
CA ILE B 159 -1.67 -19.40 12.69
C ILE B 159 -2.83 -19.11 13.66
N HIS B 160 -2.56 -19.33 14.97
CA HIS B 160 -3.42 -19.00 16.09
C HIS B 160 -3.73 -17.50 16.08
N HIS B 161 -5.00 -17.17 16.19
CA HIS B 161 -5.48 -15.84 15.78
C HIS B 161 -5.18 -14.82 16.87
N ALA B 162 -4.85 -15.30 18.06
CA ALA B 162 -4.39 -14.42 19.08
C ALA B 162 -3.04 -13.78 18.71
N ILE B 163 -2.15 -14.46 17.97
CA ILE B 163 -0.81 -13.88 17.61
C ILE B 163 -1.00 -12.70 16.67
N CYS B 164 -1.93 -12.83 15.74
CA CYS B 164 -2.08 -11.77 14.80
C CYS B 164 -3.33 -11.90 13.92
N ASP B 165 -3.63 -10.77 13.23
CA ASP B 165 -4.76 -10.63 12.30
C ASP B 165 -4.26 -10.85 10.87
N GLY B 166 -5.11 -10.62 9.87
CA GLY B 166 -4.88 -10.96 8.51
C GLY B 166 -3.87 -10.01 7.90
N LEU B 167 -3.92 -8.70 8.29
CA LEU B 167 -2.91 -7.63 7.95
C LEU B 167 -1.57 -7.94 8.58
N GLY B 168 -1.57 -8.41 9.82
CA GLY B 168 -0.39 -8.82 10.53
C GLY B 168 0.25 -10.02 9.83
N ALA B 169 -0.55 -11.02 9.52
CA ALA B 169 -0.03 -12.16 8.86
C ALA B 169 0.54 -11.74 7.48
N SER B 170 -0.16 -10.82 6.84
CA SER B 170 0.23 -10.46 5.55
C SER B 170 1.49 -9.56 5.60
N LEU B 171 1.79 -8.83 6.70
CA LEU B 171 3.18 -8.21 6.94
C LEU B 171 4.21 -9.32 6.96
N PHE B 172 3.89 -10.44 7.60
CA PHE B 172 4.80 -11.55 7.74
C PHE B 172 4.98 -12.23 6.39
N PHE B 173 3.92 -12.46 5.64
CA PHE B 173 4.13 -13.23 4.42
C PHE B 173 4.82 -12.39 3.30
N ASN B 174 4.58 -11.08 3.24
CA ASN B 174 5.12 -10.17 2.20
C ASN B 174 6.63 -9.96 2.41
N ALA B 175 7.03 -10.07 3.70
CA ALA B 175 8.36 -10.05 4.22
C ALA B 175 9.13 -11.33 3.79
N MET B 176 8.50 -12.50 3.94
CA MET B 176 9.04 -13.72 3.42
C MET B 176 9.14 -13.62 1.90
N ALA B 177 8.05 -13.20 1.25
CA ALA B 177 8.04 -13.11 -0.23
C ALA B 177 9.16 -12.20 -0.75
N GLU B 178 9.25 -11.00 -0.16
CA GLU B 178 10.21 -9.99 -0.60
C GLU B 178 11.64 -10.56 -0.47
N LEU B 179 11.90 -11.32 0.63
CA LEU B 179 13.21 -11.97 0.88
C LEU B 179 13.48 -13.04 -0.18
N ALA B 180 12.46 -13.80 -0.55
CA ALA B 180 12.57 -14.79 -1.64
C ALA B 180 13.00 -14.11 -2.95
N ARG B 181 12.52 -12.87 -3.20
CA ARG B 181 12.67 -12.14 -4.48
C ARG B 181 14.05 -11.39 -4.58
N GLY B 182 14.80 -11.50 -3.46
CA GLY B 182 16.16 -11.07 -3.29
C GLY B 182 16.27 -9.77 -2.51
N ALA B 183 15.31 -9.46 -1.65
CA ALA B 183 15.38 -8.21 -0.92
C ALA B 183 16.50 -8.29 0.13
N THR B 184 17.06 -7.07 0.31
CA THR B 184 18.31 -6.84 1.02
C THR B 184 18.08 -6.97 2.53
N LYS B 185 16.85 -6.64 2.94
CA LYS B 185 16.39 -6.70 4.35
C LYS B 185 14.85 -6.61 4.28
N ILE B 186 14.17 -6.83 5.40
CA ILE B 186 12.77 -6.66 5.35
C ILE B 186 12.50 -5.15 5.35
N SER B 187 11.48 -4.75 4.61
CA SER B 187 11.29 -3.33 4.22
C SER B 187 10.46 -2.56 5.28
N ILE B 188 9.57 -3.29 5.96
CA ILE B 188 8.92 -2.82 7.19
C ILE B 188 9.36 -3.74 8.35
N GLU B 189 9.98 -3.15 9.38
CA GLU B 189 10.54 -3.89 10.51
C GLU B 189 9.39 -4.03 11.49
N PRO B 190 9.03 -5.28 11.93
CA PRO B 190 7.89 -5.51 12.83
C PRO B 190 8.07 -4.93 14.24
N VAL B 191 6.97 -4.31 14.71
CA VAL B 191 6.86 -3.67 16.03
C VAL B 191 6.07 -4.64 16.92
N TRP B 192 6.59 -5.04 18.09
CA TRP B 192 5.75 -5.70 19.14
C TRP B 192 5.03 -4.62 20.00
N ASP B 193 5.54 -4.33 21.21
CA ASP B 193 5.10 -3.19 22.06
C ASP B 193 3.58 -3.26 22.31
N ARG B 194 3.07 -4.47 22.55
CA ARG B 194 1.59 -4.70 22.41
C ARG B 194 0.79 -4.21 23.63
N GLU B 195 1.32 -4.45 24.84
CA GLU B 195 0.58 -4.15 26.10
C GLU B 195 0.61 -2.61 26.29
N ARG B 196 1.62 -1.93 25.72
CA ARG B 196 1.73 -0.44 25.71
C ARG B 196 0.71 0.18 24.72
N LEU B 197 0.75 -0.16 23.42
CA LEU B 197 -0.06 0.59 22.42
C LEU B 197 -1.54 0.23 22.52
N LEU B 198 -1.89 -0.98 22.97
CA LEU B 198 -3.31 -1.43 22.97
C LEU B 198 -3.66 -1.97 24.35
N GLY B 199 -3.14 -1.30 25.36
CA GLY B 199 -3.47 -1.64 26.72
C GLY B 199 -4.77 -0.96 27.14
N PRO B 200 -5.24 -1.22 28.38
CA PRO B 200 -6.45 -0.58 28.88
C PRO B 200 -6.20 0.79 29.51
N ARG B 201 -7.29 1.55 29.77
CA ARG B 201 -7.17 2.82 30.49
C ARG B 201 -7.09 2.53 32.01
N GLU B 202 -6.36 3.45 32.68
CA GLU B 202 -6.02 3.29 34.07
C GLU B 202 -7.34 3.26 34.87
N LYS B 203 -8.36 3.96 34.35
CA LYS B 203 -9.69 4.03 34.92
C LYS B 203 -10.64 3.58 33.84
N PRO B 204 -10.83 2.26 33.63
CA PRO B 204 -11.53 1.71 32.46
C PRO B 204 -12.97 2.25 32.38
N TRP B 205 -13.51 2.34 31.17
CA TRP B 205 -14.71 3.07 30.76
C TRP B 205 -15.21 2.51 29.43
N VAL B 206 -16.48 2.05 29.38
CA VAL B 206 -16.97 1.42 28.16
C VAL B 206 -18.27 2.05 27.75
N GLY B 207 -18.38 2.40 26.47
CA GLY B 207 -19.47 3.22 25.98
C GLY B 207 -20.66 2.37 25.63
N ALA B 208 -21.79 2.99 25.25
CA ALA B 208 -23.02 2.22 24.93
C ALA B 208 -22.84 1.38 23.66
N PRO B 209 -22.10 1.82 22.63
CA PRO B 209 -22.00 1.00 21.41
C PRO B 209 -21.17 -0.28 21.57
N VAL B 210 -20.38 -0.38 22.63
CA VAL B 210 -19.84 -1.70 22.96
C VAL B 210 -20.82 -2.52 23.82
N ARG B 211 -21.32 -1.94 24.92
CA ARG B 211 -22.16 -2.65 25.91
C ARG B 211 -23.45 -3.19 25.29
N ASP B 212 -23.93 -2.56 24.22
CA ASP B 212 -25.18 -2.92 23.62
C ASP B 212 -25.01 -4.11 22.64
N PHE B 213 -23.81 -4.43 22.13
CA PHE B 213 -23.48 -5.64 21.25
C PHE B 213 -23.21 -6.82 22.19
N LEU B 214 -22.59 -6.61 23.36
CA LEU B 214 -22.00 -7.72 24.15
C LEU B 214 -22.79 -8.00 25.46
N SER B 215 -22.49 -9.20 26.01
CA SER B 215 -23.07 -9.79 27.16
C SER B 215 -22.03 -10.63 27.92
N LEU B 216 -22.28 -10.96 29.20
CA LEU B 216 -21.42 -11.90 29.97
C LEU B 216 -22.13 -13.22 30.38
N ASP B 217 -21.49 -14.32 29.96
CA ASP B 217 -21.96 -15.62 30.30
C ASP B 217 -20.81 -16.61 30.29
N LYS B 218 -20.27 -16.94 31.46
CA LYS B 218 -19.14 -17.84 31.52
C LYS B 218 -19.48 -19.17 30.88
N ASP B 219 -20.75 -19.57 30.87
CA ASP B 219 -21.12 -20.93 30.40
C ASP B 219 -21.39 -20.96 28.89
N PHE B 220 -21.04 -19.92 28.11
CA PHE B 220 -21.45 -19.89 26.69
C PHE B 220 -20.25 -20.02 25.75
N ASP B 221 -20.36 -20.94 24.79
CA ASP B 221 -19.29 -21.18 23.84
C ASP B 221 -19.81 -20.78 22.46
N PRO B 222 -19.36 -19.63 21.91
CA PRO B 222 -19.86 -19.20 20.60
C PRO B 222 -19.64 -20.31 19.58
N TYR B 223 -18.63 -21.14 19.78
CA TYR B 223 -18.26 -22.12 18.77
C TYR B 223 -18.75 -23.54 19.08
N GLY B 224 -19.52 -23.72 20.17
CA GLY B 224 -20.00 -25.00 20.58
C GLY B 224 -21.51 -25.13 20.48
N GLN B 225 -22.17 -24.31 19.66
CA GLN B 225 -23.58 -24.32 19.53
C GLN B 225 -24.01 -25.58 18.78
N ALA B 226 -25.17 -26.17 19.14
CA ALA B 226 -25.62 -27.35 18.47
C ALA B 226 -26.38 -26.94 17.20
N ILE B 227 -25.71 -26.79 16.05
CA ILE B 227 -26.44 -26.38 14.85
C ILE B 227 -26.36 -27.42 13.72
N GLY B 228 -25.81 -28.60 14.04
CA GLY B 228 -25.64 -29.68 13.07
C GLY B 228 -24.32 -29.48 12.38
N ASP B 229 -24.04 -30.32 11.39
CA ASP B 229 -22.77 -30.24 10.61
C ASP B 229 -22.78 -28.99 9.72
N VAL B 230 -21.67 -28.25 9.72
CA VAL B 230 -21.57 -26.98 8.99
C VAL B 230 -20.93 -27.24 7.63
N LYS B 231 -21.61 -26.91 6.54
CA LYS B 231 -21.08 -27.09 5.22
C LYS B 231 -20.43 -25.80 4.70
N ARG B 232 -19.58 -25.98 3.68
CA ARG B 232 -18.90 -24.90 2.99
C ARG B 232 -19.37 -24.89 1.54
N ASP B 233 -19.66 -23.73 0.97
CA ASP B 233 -20.06 -23.71 -0.42
C ASP B 233 -19.74 -22.33 -1.06
N CYS B 234 -19.48 -22.33 -2.38
CA CYS B 234 -18.93 -21.19 -3.10
C CYS B 234 -19.92 -20.77 -4.16
N PHE B 235 -20.07 -19.45 -4.32
CA PHE B 235 -21.01 -18.89 -5.29
C PHE B 235 -20.37 -17.73 -6.08
N PHE B 236 -20.51 -17.74 -7.41
CA PHE B 236 -20.01 -16.65 -8.17
C PHE B 236 -21.11 -15.60 -8.25
N VAL B 237 -20.65 -14.36 -8.06
CA VAL B 237 -21.45 -13.14 -8.12
C VAL B 237 -20.81 -12.14 -9.13
N THR B 238 -21.57 -11.65 -10.13
CA THR B 238 -21.04 -10.86 -11.30
C THR B 238 -21.04 -9.36 -10.94
N ASP B 239 -19.97 -8.62 -11.28
CA ASP B 239 -19.97 -7.12 -11.10
C ASP B 239 -21.25 -6.46 -11.67
N ASP B 240 -21.84 -7.09 -12.70
CA ASP B 240 -23.07 -6.60 -13.35
C ASP B 240 -24.30 -6.94 -12.47
N SER B 241 -24.36 -8.12 -11.82
CA SER B 241 -25.52 -8.41 -10.89
C SER B 241 -25.57 -7.37 -9.77
N LEU B 242 -24.38 -6.95 -9.26
CA LEU B 242 -24.28 -6.05 -8.13
C LEU B 242 -24.71 -4.65 -8.50
N ASP B 243 -24.27 -4.23 -9.68
CA ASP B 243 -24.62 -2.91 -10.18
C ASP B 243 -26.16 -2.83 -10.44
N GLN B 244 -26.77 -3.91 -10.97
CA GLN B 244 -28.23 -4.06 -11.05
C GLN B 244 -28.79 -3.80 -9.62
N LEU B 245 -28.16 -4.48 -8.64
CA LEU B 245 -28.72 -4.53 -7.30
C LEU B 245 -28.67 -3.14 -6.67
N LYS B 246 -27.53 -2.43 -6.79
CA LYS B 246 -27.36 -1.09 -6.16
C LYS B 246 -28.30 -0.06 -6.81
N ALA B 247 -28.41 -0.11 -8.15
CA ALA B 247 -29.26 0.78 -8.96
C ALA B 247 -30.71 0.69 -8.49
N GLN B 248 -31.15 -0.48 -8.03
CA GLN B 248 -32.56 -0.73 -7.65
C GLN B 248 -32.80 -0.34 -6.20
N LEU B 249 -31.82 -0.63 -5.34
CA LEU B 249 -31.90 -0.11 -4.02
C LEU B 249 -31.91 1.42 -4.05
N LEU B 250 -31.16 2.01 -5.00
CA LEU B 250 -31.10 3.47 -5.19
C LEU B 250 -32.47 4.01 -5.63
N GLU B 251 -33.11 3.35 -6.60
CA GLU B 251 -34.37 3.79 -7.15
C GLU B 251 -35.43 3.76 -6.04
N LYS B 252 -35.33 2.77 -5.13
CA LYS B 252 -36.36 2.49 -4.14
C LYS B 252 -35.98 3.09 -2.79
N SER B 253 -34.80 3.68 -2.59
CA SER B 253 -34.46 4.27 -1.26
C SER B 253 -33.59 5.52 -1.35
N GLY B 254 -33.16 5.91 -2.57
CA GLY B 254 -32.27 7.01 -2.80
C GLY B 254 -30.96 6.91 -2.00
N LEU B 255 -30.53 5.73 -1.55
CA LEU B 255 -29.12 5.56 -1.07
C LEU B 255 -28.35 4.60 -2.00
N ASN B 256 -27.09 4.92 -2.33
CA ASN B 256 -26.19 3.95 -3.02
C ASN B 256 -25.49 3.13 -1.93
N PHE B 257 -25.52 1.82 -2.07
CA PHE B 257 -24.84 1.04 -1.10
C PHE B 257 -23.58 0.48 -1.76
N THR B 258 -22.63 0.16 -0.90
CA THR B 258 -21.46 -0.61 -1.25
C THR B 258 -21.88 -2.05 -1.51
N THR B 259 -21.05 -2.77 -2.26
CA THR B 259 -21.28 -4.17 -2.52
C THR B 259 -21.42 -4.90 -1.16
N PHE B 260 -20.56 -4.54 -0.23
CA PHE B 260 -20.55 -5.18 1.07
C PHE B 260 -21.88 -4.96 1.81
N GLU B 261 -22.48 -3.80 1.60
CA GLU B 261 -23.65 -3.47 2.32
C GLU B 261 -24.80 -4.22 1.64
N ALA B 262 -24.95 -4.04 0.32
CA ALA B 262 -26.07 -4.61 -0.39
C ALA B 262 -25.98 -6.15 -0.39
N LEU B 263 -24.83 -6.72 -0.75
CA LEU B 263 -24.71 -8.15 -0.86
C LEU B 263 -24.75 -8.79 0.52
N GLY B 264 -24.10 -8.17 1.50
CA GLY B 264 -24.13 -8.68 2.84
C GLY B 264 -25.56 -8.72 3.38
N ALA B 265 -26.34 -7.72 3.02
CA ALA B 265 -27.73 -7.65 3.43
C ALA B 265 -28.43 -8.91 2.90
N TYR B 266 -28.25 -9.14 1.60
CA TYR B 266 -28.92 -10.19 0.94
C TYR B 266 -28.51 -11.55 1.49
N ILE B 267 -27.23 -11.74 1.78
CA ILE B 267 -26.78 -13.04 2.26
C ILE B 267 -27.27 -13.26 3.69
N TRP B 268 -27.19 -12.24 4.51
CA TRP B 268 -27.67 -12.29 5.88
C TRP B 268 -29.16 -12.64 5.88
N ARG B 269 -29.94 -11.95 5.06
CA ARG B 269 -31.32 -12.28 5.09
C ARG B 269 -31.53 -13.76 4.67
N ALA B 270 -30.88 -14.15 3.58
CA ALA B 270 -31.11 -15.45 3.04
C ALA B 270 -30.71 -16.54 4.01
N LYS B 271 -29.62 -16.33 4.72
CA LYS B 271 -29.06 -17.25 5.73
C LYS B 271 -30.07 -17.42 6.88
N VAL B 272 -30.58 -16.30 7.41
CA VAL B 272 -31.37 -16.32 8.64
C VAL B 272 -32.71 -16.96 8.31
N ARG B 273 -33.19 -16.63 7.12
CA ARG B 273 -34.40 -17.20 6.60
C ARG B 273 -34.23 -18.72 6.45
N ALA B 274 -33.16 -19.19 5.79
CA ALA B 274 -32.97 -20.66 5.56
C ALA B 274 -32.75 -21.43 6.87
N ALA B 275 -32.25 -20.76 7.91
CA ALA B 275 -32.03 -21.39 9.17
C ALA B 275 -33.32 -21.36 10.01
N LYS B 276 -34.42 -20.87 9.40
CA LYS B 276 -35.71 -20.86 10.06
C LYS B 276 -35.52 -20.33 11.46
N THR B 277 -35.00 -19.13 11.60
CA THR B 277 -34.62 -18.68 12.94
C THR B 277 -35.89 -18.15 13.60
N GLU B 278 -36.10 -18.40 14.90
CA GLU B 278 -37.39 -17.90 15.55
C GLU B 278 -37.45 -16.38 15.35
N GLU B 279 -38.65 -15.83 15.12
CA GLU B 279 -38.88 -14.44 14.74
C GLU B 279 -38.30 -13.43 15.75
N LYS B 280 -38.17 -13.77 17.04
CA LYS B 280 -37.80 -12.75 18.07
C LYS B 280 -36.44 -13.01 18.68
N GLU B 281 -35.69 -13.91 18.03
CA GLU B 281 -34.25 -14.12 18.31
C GLU B 281 -33.47 -12.92 17.70
N ASN B 282 -32.60 -12.35 18.54
CA ASN B 282 -31.76 -11.26 18.16
C ASN B 282 -30.66 -11.84 17.25
N VAL B 283 -30.53 -11.39 16.02
CA VAL B 283 -29.45 -11.89 15.13
C VAL B 283 -28.49 -10.74 14.78
N LYS B 284 -27.28 -11.09 14.37
CA LYS B 284 -26.22 -10.15 14.32
C LYS B 284 -25.36 -10.34 13.07
N PHE B 285 -24.84 -9.20 12.57
CA PHE B 285 -23.98 -9.15 11.40
C PHE B 285 -22.69 -8.55 11.95
N VAL B 286 -21.61 -9.32 11.87
CA VAL B 286 -20.36 -8.84 12.43
C VAL B 286 -19.28 -8.84 11.37
N TYR B 287 -18.47 -7.77 11.37
CA TYR B 287 -17.32 -7.72 10.54
C TYR B 287 -16.19 -7.04 11.31
N SER B 288 -14.98 -7.22 10.78
CA SER B 288 -13.72 -6.84 11.37
C SER B 288 -13.25 -5.51 10.70
N ILE B 289 -12.88 -4.46 11.43
CA ILE B 289 -12.21 -3.37 10.70
C ILE B 289 -10.87 -3.07 11.34
N ASN B 290 -9.94 -2.74 10.42
CA ASN B 290 -8.60 -2.26 10.65
C ASN B 290 -8.71 -0.92 11.34
N ILE B 291 -8.10 -0.78 12.54
CA ILE B 291 -8.20 0.48 13.31
C ILE B 291 -6.86 1.21 13.39
N ARG B 292 -5.90 0.73 12.58
CA ARG B 292 -4.52 1.15 12.72
C ARG B 292 -4.38 2.64 12.41
N ARG B 293 -5.00 3.06 11.30
CA ARG B 293 -4.93 4.42 10.81
C ARG B 293 -5.81 5.33 11.68
N LEU B 294 -6.86 4.76 12.30
CA LEU B 294 -7.92 5.53 12.94
C LEU B 294 -7.61 5.96 14.41
N MET B 295 -6.63 5.37 15.11
CA MET B 295 -6.37 5.73 16.56
C MET B 295 -5.73 7.13 16.62
N ASN B 296 -5.67 7.66 17.85
CA ASN B 296 -5.04 8.92 18.12
C ASN B 296 -4.13 8.70 19.33
N PRO B 297 -2.84 8.47 19.08
CA PRO B 297 -2.21 8.45 17.76
C PRO B 297 -2.31 7.15 16.96
N PRO B 298 -2.05 7.16 15.63
CA PRO B 298 -2.14 5.94 14.81
C PRO B 298 -1.19 4.84 15.29
N LEU B 299 -1.46 3.61 14.90
CA LEU B 299 -0.62 2.50 15.31
C LEU B 299 0.56 2.54 14.39
N PRO B 300 1.70 1.97 14.81
CA PRO B 300 2.86 1.81 13.92
C PRO B 300 2.49 1.02 12.65
N LYS B 301 3.23 1.35 11.58
CA LYS B 301 3.26 0.71 10.25
C LYS B 301 3.73 -0.75 10.42
N GLY B 302 4.58 -1.00 11.42
CA GLY B 302 5.17 -2.31 11.59
C GLY B 302 4.34 -3.18 12.48
N TYR B 303 3.18 -2.67 12.94
CA TYR B 303 2.41 -3.35 14.00
C TYR B 303 1.71 -4.56 13.39
N TRP B 304 2.03 -5.76 13.90
CA TRP B 304 1.48 -7.00 13.28
C TRP B 304 0.57 -7.85 14.19
N GLY B 305 0.36 -7.46 15.45
CA GLY B 305 -0.73 -8.07 16.18
C GLY B 305 -2.13 -7.80 15.59
N ASN B 306 -3.14 -8.19 16.38
CA ASN B 306 -4.49 -7.83 16.14
C ASN B 306 -4.63 -6.30 16.29
N GLY B 307 -5.17 -5.73 15.21
CA GLY B 307 -5.36 -4.33 15.06
C GLY B 307 -6.70 -4.07 14.43
N CYS B 308 -7.64 -4.97 14.78
CA CYS B 308 -9.03 -4.94 14.35
C CYS B 308 -10.00 -5.14 15.53
N VAL B 309 -11.08 -4.39 15.44
CA VAL B 309 -12.21 -4.57 16.28
C VAL B 309 -13.43 -4.90 15.43
N PRO B 310 -14.28 -5.81 15.98
CA PRO B 310 -15.54 -6.22 15.36
C PRO B 310 -16.59 -5.14 15.54
N MET B 311 -17.32 -4.90 14.43
CA MET B 311 -18.46 -4.01 14.35
C MET B 311 -19.69 -4.84 14.06
N TYR B 312 -20.84 -4.30 14.47
CA TYR B 312 -22.08 -5.06 14.51
C TYR B 312 -23.31 -4.23 14.06
N ALA B 313 -24.25 -5.01 13.52
CA ALA B 313 -25.61 -4.64 13.41
C ALA B 313 -26.43 -5.74 14.05
N GLN B 314 -27.55 -5.39 14.70
CA GLN B 314 -28.40 -6.45 15.28
C GLN B 314 -29.85 -6.12 14.95
N ILE B 315 -30.66 -7.15 14.83
CA ILE B 315 -32.03 -6.93 14.63
C ILE B 315 -32.72 -8.24 14.96
N LYS B 316 -34.04 -8.19 15.19
CA LYS B 316 -34.81 -9.43 15.37
C LYS B 316 -34.83 -10.19 14.05
N ALA B 317 -34.83 -11.52 14.11
CA ALA B 317 -34.85 -12.33 12.90
C ALA B 317 -36.09 -12.05 12.02
N GLY B 318 -37.25 -11.97 12.65
CA GLY B 318 -38.45 -11.62 11.95
C GLY B 318 -38.35 -10.31 11.20
N GLU B 319 -37.84 -9.26 11.84
CA GLU B 319 -37.68 -7.98 11.11
C GLU B 319 -36.77 -8.18 9.86
N LEU B 320 -35.67 -8.90 10.01
CA LEU B 320 -34.74 -9.12 8.93
C LEU B 320 -35.36 -9.91 7.75
N ILE B 321 -36.13 -10.97 8.03
CA ILE B 321 -36.51 -11.83 6.89
C ILE B 321 -37.67 -11.19 6.12
N GLU B 322 -38.28 -10.16 6.73
CA GLU B 322 -39.44 -9.53 6.10
C GLU B 322 -39.26 -8.03 5.78
N GLN B 323 -38.29 -7.33 6.37
CA GLN B 323 -38.11 -5.90 5.95
C GLN B 323 -37.47 -5.88 4.56
N PRO B 324 -37.59 -4.76 3.82
CA PRO B 324 -36.85 -4.59 2.57
C PRO B 324 -35.34 -4.61 2.81
N ILE B 325 -34.61 -5.03 1.79
CA ILE B 325 -33.16 -5.05 1.81
C ILE B 325 -32.59 -3.63 2.04
N TRP B 326 -33.21 -2.59 1.47
CA TRP B 326 -32.67 -1.29 1.66
C TRP B 326 -32.61 -0.92 3.12
N LYS B 327 -33.55 -1.37 3.94
CA LYS B 327 -33.51 -1.13 5.38
C LYS B 327 -32.35 -1.90 6.01
N THR B 328 -32.29 -3.22 5.78
CA THR B 328 -31.18 -4.04 6.26
C THR B 328 -29.81 -3.49 5.74
N ALA B 329 -29.71 -3.19 4.45
CA ALA B 329 -28.45 -2.59 3.93
C ALA B 329 -28.13 -1.30 4.67
N GLU B 330 -29.14 -0.50 5.01
CA GLU B 330 -28.92 0.76 5.72
C GLU B 330 -28.41 0.48 7.14
N LEU B 331 -28.96 -0.56 7.77
CA LEU B 331 -28.57 -0.89 9.14
C LEU B 331 -27.07 -1.22 9.26
N ILE B 332 -26.55 -1.92 8.24
CA ILE B 332 -25.13 -2.27 8.14
C ILE B 332 -24.29 -1.00 7.83
N LYS B 333 -24.72 -0.18 6.85
CA LYS B 333 -24.08 1.13 6.54
C LYS B 333 -23.89 1.95 7.84
N GLN B 334 -24.90 2.11 8.66
CA GLN B 334 -24.85 2.89 9.90
C GLN B 334 -23.89 2.28 10.92
N SER B 335 -23.49 1.01 10.81
CA SER B 335 -22.63 0.39 11.86
C SER B 335 -21.20 0.89 11.75
N LYS B 336 -20.78 1.31 10.57
CA LYS B 336 -19.42 1.86 10.56
C LYS B 336 -19.44 3.27 11.19
N SER B 337 -20.64 3.84 11.49
CA SER B 337 -20.70 5.03 12.39
C SER B 337 -19.80 4.78 13.58
N ASN B 338 -19.93 3.63 14.21
CA ASN B 338 -19.26 3.48 15.47
C ASN B 338 -17.75 3.31 15.20
N THR B 339 -17.27 3.37 13.96
CA THR B 339 -15.83 3.31 13.78
C THR B 339 -15.19 4.62 14.28
N SER B 340 -14.54 4.54 15.44
CA SER B 340 -13.84 5.65 16.06
C SER B 340 -12.79 5.16 17.08
N ASP B 341 -11.83 6.06 17.37
CA ASP B 341 -10.91 5.90 18.47
C ASP B 341 -11.63 5.38 19.72
N GLU B 342 -12.71 6.08 20.15
CA GLU B 342 -13.31 5.78 21.45
C GLU B 342 -13.92 4.37 21.43
N TYR B 343 -14.44 3.95 20.28
CA TYR B 343 -15.05 2.63 20.21
C TYR B 343 -13.99 1.55 20.49
N VAL B 344 -12.79 1.71 19.95
CA VAL B 344 -11.76 0.78 20.19
C VAL B 344 -11.38 0.85 21.68
N ARG B 345 -11.27 2.05 22.23
CA ARG B 345 -10.76 2.14 23.59
C ARG B 345 -11.78 1.54 24.57
N SER B 346 -13.05 1.65 24.19
CA SER B 346 -14.17 1.02 24.94
C SER B 346 -14.06 -0.52 24.95
N PHE B 347 -13.87 -1.08 23.75
CA PHE B 347 -13.72 -2.49 23.57
C PHE B 347 -12.56 -3.07 24.42
N ILE B 348 -11.42 -2.39 24.41
CA ILE B 348 -10.32 -2.85 25.17
C ILE B 348 -10.67 -2.81 26.63
N ASP B 349 -11.24 -1.71 27.06
CA ASP B 349 -11.44 -1.56 28.47
C ASP B 349 -12.49 -2.56 28.98
N PHE B 350 -13.49 -2.88 28.11
CA PHE B 350 -14.51 -3.93 28.39
C PHE B 350 -13.78 -5.25 28.66
N GLN B 351 -12.76 -5.57 27.82
CA GLN B 351 -11.96 -6.82 28.03
C GLN B 351 -11.16 -6.74 29.35
N GLU B 352 -10.68 -5.56 29.76
CA GLU B 352 -9.97 -5.47 31.02
C GLU B 352 -10.92 -5.86 32.16
N LEU B 353 -12.13 -5.34 32.04
CA LEU B 353 -13.14 -5.53 33.08
C LEU B 353 -13.72 -6.96 33.12
N HIS B 354 -13.82 -7.68 32.00
CA HIS B 354 -14.71 -8.82 31.97
C HIS B 354 -14.10 -10.04 31.24
N HIS B 355 -12.79 -10.12 31.10
CA HIS B 355 -12.13 -11.23 30.36
C HIS B 355 -12.49 -12.59 30.98
N LYS B 356 -12.51 -12.63 32.30
CA LYS B 356 -12.69 -13.88 33.01
C LYS B 356 -14.25 -14.20 33.09
N ASP B 357 -15.11 -13.43 32.41
CA ASP B 357 -16.54 -13.40 32.77
C ASP B 357 -17.42 -13.84 31.58
N GLY B 358 -16.80 -14.24 30.46
CA GLY B 358 -17.53 -14.86 29.35
C GLY B 358 -18.06 -13.87 28.33
N ILE B 359 -17.19 -12.95 27.86
CA ILE B 359 -17.67 -11.88 26.95
C ILE B 359 -18.09 -12.57 25.66
N ASN B 360 -19.26 -12.22 25.10
CA ASN B 360 -19.77 -12.75 23.88
C ASN B 360 -20.93 -11.89 23.32
N ALA B 361 -21.21 -12.06 22.03
CA ALA B 361 -22.23 -11.37 21.33
C ALA B 361 -23.44 -12.30 21.10
N GLY B 362 -23.48 -13.42 21.83
CA GLY B 362 -24.60 -14.34 21.75
C GLY B 362 -24.70 -15.15 20.46
N THR B 363 -25.88 -15.74 20.30
CA THR B 363 -26.31 -16.61 19.28
C THR B 363 -26.69 -15.76 18.09
N GLY B 364 -26.79 -16.39 16.91
CA GLY B 364 -27.32 -15.78 15.67
C GLY B 364 -26.34 -14.78 15.06
N VAL B 365 -25.08 -14.94 15.38
CA VAL B 365 -24.06 -14.11 14.82
C VAL B 365 -23.55 -14.68 13.51
N THR B 366 -23.66 -13.90 12.44
CA THR B 366 -23.04 -14.24 11.22
C THR B 366 -21.85 -13.31 11.01
N GLY B 367 -20.67 -13.89 10.78
CA GLY B 367 -19.43 -13.13 10.44
C GLY B 367 -19.31 -12.92 8.94
N PHE B 368 -18.79 -11.77 8.55
CA PHE B 368 -18.55 -11.49 7.17
C PHE B 368 -17.12 -10.94 7.03
N THR B 369 -16.38 -11.32 6.00
CA THR B 369 -14.99 -10.91 5.95
C THR B 369 -14.72 -10.56 4.50
N ASP B 370 -14.30 -9.32 4.24
CA ASP B 370 -14.05 -8.91 2.80
C ASP B 370 -12.59 -9.25 2.43
N TRP B 371 -12.36 -10.01 1.36
CA TRP B 371 -11.00 -10.41 1.03
C TRP B 371 -10.66 -10.07 -0.42
N ARG B 372 -11.47 -9.22 -1.03
CA ARG B 372 -11.52 -9.14 -2.50
C ARG B 372 -10.29 -8.39 -3.08
N TYR B 373 -9.82 -7.44 -2.26
CA TYR B 373 -8.89 -6.40 -2.55
C TYR B 373 -8.01 -6.24 -1.32
N LEU B 374 -7.45 -7.35 -0.82
CA LEU B 374 -6.15 -7.20 -0.15
C LEU B 374 -5.08 -7.28 -1.26
N GLY B 375 -3.79 -7.28 -0.88
CA GLY B 375 -2.63 -7.48 -1.79
C GLY B 375 -2.11 -8.90 -1.75
N HIS B 376 -3.02 -9.86 -1.85
CA HIS B 376 -2.71 -11.27 -2.18
C HIS B 376 -1.53 -11.32 -3.16
N SER B 377 -1.44 -10.27 -4.00
CA SER B 377 -0.78 -10.26 -5.29
C SER B 377 0.76 -10.28 -5.15
N THR B 378 1.20 -9.64 -4.07
CA THR B 378 2.58 -9.37 -3.81
C THR B 378 3.23 -10.49 -3.00
N ILE B 379 2.43 -11.43 -2.50
CA ILE B 379 3.00 -12.65 -1.87
C ILE B 379 3.47 -13.48 -3.06
N ASP B 380 4.57 -13.01 -3.66
CA ASP B 380 5.09 -13.64 -4.82
C ASP B 380 6.44 -14.22 -4.46
N PHE B 381 6.57 -15.55 -4.59
CA PHE B 381 7.80 -16.21 -4.19
C PHE B 381 8.73 -16.48 -5.39
N GLY B 382 8.31 -16.14 -6.62
CA GLY B 382 8.99 -16.55 -7.88
C GLY B 382 8.02 -16.99 -8.98
N TRP B 383 6.85 -17.53 -8.51
CA TRP B 383 5.83 -18.29 -9.28
C TRP B 383 4.65 -17.42 -9.62
N GLY B 384 4.85 -16.14 -9.44
CA GLY B 384 3.85 -15.20 -9.49
C GLY B 384 3.05 -15.24 -8.20
N GLY B 385 2.11 -14.28 -8.25
CA GLY B 385 0.99 -14.11 -7.38
C GLY B 385 0.07 -15.34 -7.39
N PRO B 386 -0.64 -15.55 -6.25
CA PRO B 386 -1.46 -16.75 -6.05
C PRO B 386 -2.69 -16.63 -6.95
N VAL B 387 -2.97 -17.67 -7.72
CA VAL B 387 -4.10 -17.63 -8.69
C VAL B 387 -5.46 -17.71 -7.94
N THR B 388 -5.52 -18.42 -6.81
CA THR B 388 -6.70 -18.40 -5.91
C THR B 388 -6.30 -18.65 -4.45
N VAL B 389 -7.11 -18.12 -3.53
CA VAL B 389 -6.79 -18.16 -2.10
C VAL B 389 -8.04 -18.66 -1.38
N LEU B 390 -7.88 -19.42 -0.29
CA LEU B 390 -9.01 -20.13 0.32
C LEU B 390 -8.90 -20.32 1.82
N PRO B 391 -9.84 -19.69 2.59
CA PRO B 391 -9.92 -19.85 4.04
C PRO B 391 -10.79 -21.05 4.44
N LEU B 392 -10.33 -21.82 5.42
CA LEU B 392 -10.89 -23.10 5.74
C LEU B 392 -11.59 -23.00 7.11
N SER B 393 -11.14 -22.07 7.95
CA SER B 393 -11.68 -21.85 9.27
C SER B 393 -13.12 -21.38 9.13
N ASN B 394 -13.98 -21.96 9.97
CA ASN B 394 -15.40 -21.61 9.96
C ASN B 394 -15.77 -21.23 11.39
N LYS B 395 -14.78 -20.76 12.14
CA LYS B 395 -15.00 -20.31 13.47
C LYS B 395 -14.27 -19.00 13.69
N LEU B 396 -15.02 -17.92 13.78
CA LEU B 396 -14.48 -16.62 13.52
C LEU B 396 -15.49 -15.51 13.83
N LEU B 397 -15.04 -14.42 14.45
CA LEU B 397 -15.89 -13.29 14.79
C LEU B 397 -17.01 -13.77 15.72
N GLY B 398 -16.80 -14.84 16.49
CA GLY B 398 -17.78 -15.37 17.37
C GLY B 398 -18.94 -15.98 16.60
N SER B 399 -18.71 -16.43 15.36
CA SER B 399 -19.66 -17.12 14.53
C SER B 399 -19.20 -18.52 14.15
N MET B 400 -20.14 -19.42 13.88
CA MET B 400 -19.90 -20.78 13.33
C MET B 400 -20.29 -20.84 11.86
N GLU B 401 -20.85 -19.74 11.33
CA GLU B 401 -21.29 -19.69 9.92
C GLU B 401 -20.75 -18.45 9.21
N PRO B 402 -19.40 -18.29 9.27
CA PRO B 402 -18.78 -17.09 8.75
C PRO B 402 -18.74 -17.18 7.24
N CYS B 403 -18.83 -16.02 6.63
CA CYS B 403 -18.90 -15.86 5.20
C CYS B 403 -17.70 -14.97 4.76
N PHE B 404 -17.19 -15.22 3.57
CA PHE B 404 -15.98 -14.55 3.03
C PHE B 404 -16.20 -14.13 1.56
N PHE B 405 -15.81 -12.88 1.25
CA PHE B 405 -15.80 -12.45 -0.14
C PHE B 405 -14.35 -12.59 -0.63
N LEU B 406 -14.14 -13.47 -1.64
CA LEU B 406 -12.83 -13.93 -2.12
C LEU B 406 -12.43 -13.22 -3.43
N PRO B 407 -11.13 -13.07 -3.77
CA PRO B 407 -10.75 -12.30 -4.95
C PRO B 407 -11.15 -12.94 -6.29
N TYR B 408 -10.99 -12.09 -7.34
CA TYR B 408 -11.33 -12.26 -8.83
C TYR B 408 -10.45 -13.37 -9.49
N ASP B 419 -18.96 -9.73 -17.80
CA ASP B 419 -18.18 -10.93 -17.52
C ASP B 419 -17.67 -11.02 -16.04
N SER B 420 -17.01 -9.98 -15.50
CA SER B 420 -16.13 -10.16 -14.29
C SER B 420 -16.96 -10.29 -13.00
N GLY B 421 -16.38 -10.87 -11.96
CA GLY B 421 -17.07 -11.14 -10.68
C GLY B 421 -16.11 -11.74 -9.67
N PHE B 422 -16.58 -12.02 -8.44
CA PHE B 422 -15.77 -12.69 -7.37
C PHE B 422 -16.54 -13.85 -6.72
N LYS B 423 -15.83 -14.61 -5.89
CA LYS B 423 -16.40 -15.81 -5.23
C LYS B 423 -16.87 -15.34 -3.83
N VAL B 424 -18.03 -15.83 -3.43
CA VAL B 424 -18.55 -15.71 -2.09
C VAL B 424 -18.51 -17.11 -1.49
N LEU B 425 -17.74 -17.28 -0.41
CA LEU B 425 -17.72 -18.52 0.30
C LEU B 425 -18.68 -18.42 1.49
N VAL B 426 -19.66 -19.32 1.60
CA VAL B 426 -20.43 -19.29 2.86
C VAL B 426 -20.29 -20.66 3.57
N ASN B 427 -19.98 -20.59 4.87
CA ASN B 427 -20.12 -21.69 5.83
C ASN B 427 -21.53 -21.65 6.42
N LEU B 428 -22.37 -22.64 6.08
CA LEU B 428 -23.78 -22.61 6.58
C LEU B 428 -24.18 -23.99 7.11
N ARG B 429 -24.93 -24.06 8.22
CA ARG B 429 -25.34 -25.39 8.74
C ARG B 429 -25.99 -26.16 7.59
N GLU B 430 -25.82 -27.48 7.65
CA GLU B 430 -26.30 -28.39 6.58
C GLU B 430 -27.83 -28.29 6.38
N SER B 431 -28.61 -28.09 7.45
CA SER B 431 -30.10 -28.02 7.29
C SER B 431 -30.49 -26.84 6.38
N ALA B 432 -29.72 -25.74 6.42
CA ALA B 432 -30.12 -24.54 5.71
C ALA B 432 -29.61 -24.52 4.25
N MET B 433 -28.57 -25.29 3.92
CA MET B 433 -27.86 -25.08 2.68
C MET B 433 -28.73 -25.23 1.42
N PRO B 434 -29.68 -26.18 1.26
CA PRO B 434 -30.48 -26.19 0.04
C PRO B 434 -31.30 -24.92 -0.18
N GLU B 435 -31.95 -24.38 0.87
CA GLU B 435 -32.74 -23.15 0.64
C GLU B 435 -31.81 -21.98 0.31
N PHE B 436 -30.61 -22.01 0.87
CA PHE B 436 -29.66 -20.97 0.61
C PHE B 436 -29.15 -21.05 -0.84
N LYS B 437 -28.87 -22.25 -1.37
CA LYS B 437 -28.41 -22.38 -2.77
C LYS B 437 -29.46 -21.72 -3.69
N GLU B 438 -30.74 -21.94 -3.38
CA GLU B 438 -31.84 -21.48 -4.20
C GLU B 438 -31.87 -19.94 -4.13
N ALA B 439 -31.62 -19.37 -2.96
CA ALA B 439 -31.53 -17.91 -2.76
C ALA B 439 -30.43 -17.32 -3.64
N MET B 440 -29.27 -17.97 -3.70
CA MET B 440 -28.14 -17.45 -4.51
C MET B 440 -28.41 -17.65 -6.00
N ASP B 441 -29.29 -18.60 -6.33
CA ASP B 441 -29.58 -18.85 -7.72
C ASP B 441 -30.58 -17.80 -8.21
N LYS B 442 -31.50 -17.37 -7.35
CA LYS B 442 -32.40 -16.24 -7.62
C LYS B 442 -31.57 -14.95 -7.82
N PHE B 443 -30.56 -14.72 -6.97
CA PHE B 443 -29.65 -13.57 -7.12
C PHE B 443 -28.97 -13.62 -8.50
N HIS B 444 -28.32 -14.75 -8.78
CA HIS B 444 -27.60 -15.03 -10.06
C HIS B 444 -28.48 -14.67 -11.27
N LYS B 445 -29.81 -14.87 -11.14
CA LYS B 445 -30.78 -14.54 -12.17
C LYS B 445 -31.40 -13.16 -11.93
N GLY B 446 -30.95 -12.45 -10.91
CA GLY B 446 -31.39 -11.07 -10.61
C GLY B 446 -32.83 -10.97 -10.16
N GLU B 447 -33.37 -12.04 -9.54
CA GLU B 447 -34.72 -12.05 -8.83
C GLU B 447 -34.46 -11.84 -7.32
N PHE B 448 -34.33 -10.55 -6.98
CA PHE B 448 -33.71 -10.14 -5.76
C PHE B 448 -34.72 -10.13 -4.62
N ALA B 449 -36.02 -10.14 -4.95
CA ALA B 449 -36.97 -10.17 -3.89
C ALA B 449 -36.71 -9.00 -2.91
N LEU B 450 -36.80 -7.75 -3.36
CA LEU B 450 -36.26 -6.63 -2.51
C LEU B 450 -37.19 -6.25 -1.34
N SER B 451 -38.53 -6.47 -1.46
CA SER B 451 -39.39 -6.65 -0.22
C SER B 451 -40.37 -7.83 -0.41
CAA T83 C . 5.91 8.63 -14.95
CAD T83 C . 8.04 13.67 -11.77
CAE T83 C . 7.08 12.89 -12.50
CAF T83 C . 8.78 9.42 -12.10
CAG T83 C . 6.30 10.60 -13.07
CAJ T83 C . 7.84 8.60 -12.65
CAK T83 C . 6.63 9.21 -13.06
CAL T83 C . 9.10 12.95 -11.17
CAM T83 C . 7.30 11.46 -12.58
CAN T83 C . 8.48 10.84 -12.06
OAB T83 C . 9.77 13.49 -10.34
OAC T83 C . 8.05 7.21 -12.76
OAH T83 C . 5.77 8.31 -13.57
OAI T83 C . 9.43 11.67 -11.44
CA CA D . 33.07 10.83 -2.80
C1 EDO E . 17.83 -0.40 -8.01
O1 EDO E . 18.11 -0.57 -6.53
C2 EDO E . 16.87 0.81 -8.34
O2 EDO E . 16.40 1.28 -9.65
C1 EDO F . 28.03 7.85 3.31
O1 EDO F . 27.53 9.18 2.99
C2 EDO F . 27.49 6.99 4.51
O2 EDO F . 26.67 7.71 5.47
O1 PG4 G . 14.37 10.60 -8.33
C1 PG4 G . 14.33 11.29 -9.65
C2 PG4 G . 13.13 12.25 -9.87
O2 PG4 G . 13.42 13.67 -10.18
C3 PG4 G . 12.65 14.84 -9.61
C4 PG4 G . 13.07 16.22 -10.28
O3 PG4 G . 13.99 17.24 -9.63
C5 PG4 G . 13.90 18.60 -10.24
C6 PG4 G . 13.37 19.14 -11.66
O4 PG4 G . 13.66 20.62 -11.75
C7 PG4 G . 14.26 21.37 -12.93
C8 PG4 G . 15.43 22.45 -12.70
O5 PG4 G . 15.12 23.91 -12.86
C ACT H . 17.41 14.10 4.77
O ACT H . 16.69 13.54 3.75
OXT ACT H . 18.23 13.45 5.68
CH3 ACT H . 17.25 15.68 4.95
CA CA I . -25.11 -5.73 26.79
#